data_4E3W
#
_entry.id   4E3W
#
_cell.length_a   62.031
_cell.length_b   62.031
_cell.length_c   210.411
_cell.angle_alpha   90.000
_cell.angle_beta   90.000
_cell.angle_gamma   90.000
#
_symmetry.space_group_name_H-M   'P 41'
#
loop_
_entity.id
_entity.type
_entity.pdbx_description
1 polymer 'Acid phosphatase'
2 non-polymer 'SULFATE ION'
3 non-polymer PROLINE
4 water water
#
_entity_poly.entity_id   1
_entity_poly.type   'polypeptide(L)'
_entity_poly.pdbx_seq_one_letter_code
;MVGYSSKLIFVSMITRNGDRAPFANIENANYSWGTELSELTPIGMNQEYNLGLQLRKRYIDKFGLLPEHYVDQSIYVLSS
HTNRTVVSAQSLLMGLYPAGTGPLIGDGDPAIKDRFQPIPIMTLSADSRLIQFPYEQYLAVLKKYVYNSPEWQNKTKEAA
PNFAKWQQILGNRISGLNDVITVGDVLIVAQAHGKPLPKGLSQEDADQIIALTDWGLAQQFKSQKVSYIMGGKLTNRMIE
DLNNAVNGKSKYKMTYYSGHALTLLEVMGTLGVPLDTAPGYASNLEMELYKDGDIYTVKLRYNGKYVKLPIMDKNNSCSL
DALNKYMQSINEKFQKHHHHHH
;
_entity_poly.pdbx_strand_id   A,B
#
# COMPACT_ATOMS: atom_id res chain seq x y z
N SER A 6 1.14 -8.07 -35.06
CA SER A 6 0.59 -8.26 -33.72
C SER A 6 1.34 -7.42 -32.69
N LYS A 7 0.61 -6.57 -31.99
CA LYS A 7 1.20 -5.66 -31.01
C LYS A 7 0.79 -6.03 -29.59
N LEU A 8 1.73 -5.89 -28.66
CA LEU A 8 1.44 -6.13 -27.24
C LEU A 8 0.51 -5.05 -26.72
N ILE A 9 -0.61 -5.45 -26.11
CA ILE A 9 -1.59 -4.46 -25.61
C ILE A 9 -1.83 -4.52 -24.10
N PHE A 10 -1.38 -5.59 -23.45
CA PHE A 10 -1.60 -5.74 -22.01
C PHE A 10 -0.67 -6.80 -21.41
N VAL A 11 -0.25 -6.58 -20.17
CA VAL A 11 0.49 -7.61 -19.43
C VAL A 11 -0.07 -7.75 -18.03
N SER A 12 -0.24 -8.98 -17.57
CA SER A 12 -0.44 -9.20 -16.14
C SER A 12 0.79 -9.91 -15.55
N MET A 13 1.27 -9.41 -14.43
CA MET A 13 2.54 -9.88 -13.86
C MET A 13 2.42 -10.25 -12.38
N ILE A 14 3.15 -11.30 -11.99
CA ILE A 14 3.37 -11.64 -10.57
C ILE A 14 4.86 -11.58 -10.30
N THR A 15 5.26 -11.04 -9.15
CA THR A 15 6.63 -11.21 -8.71
C THR A 15 6.65 -11.94 -7.36
N ARG A 16 7.75 -12.64 -7.10
CA ARG A 16 8.09 -12.98 -5.72
C ARG A 16 8.91 -11.80 -5.21
N ASN A 17 8.78 -11.51 -3.91
CA ASN A 17 9.62 -10.48 -3.28
C ASN A 17 11.13 -10.74 -3.41
N GLY A 18 11.93 -9.71 -3.12
CA GLY A 18 13.37 -9.85 -3.16
C GLY A 18 13.91 -10.51 -1.89
N ASP A 19 15.23 -10.60 -1.82
CA ASP A 19 15.95 -11.13 -0.67
C ASP A 19 15.44 -10.54 0.64
N ARG A 20 15.19 -11.41 1.62
CA ARG A 20 14.68 -10.99 2.92
C ARG A 20 15.44 -11.71 4.03
N ALA A 21 15.29 -11.24 5.25
CA ALA A 21 15.79 -11.99 6.41
C ALA A 21 14.92 -13.25 6.55
N PRO A 22 15.37 -14.24 7.33
CA PRO A 22 14.51 -15.41 7.52
C PRO A 22 13.30 -15.08 8.40
N PHE A 23 12.42 -16.06 8.57
CA PHE A 23 11.26 -15.91 9.46
C PHE A 23 11.60 -16.30 10.88
N ALA A 24 12.60 -17.16 11.02
CA ALA A 24 12.97 -17.67 12.33
C ALA A 24 14.47 -17.95 12.38
N ASN A 25 14.96 -18.37 13.53
CA ASN A 25 16.39 -18.59 13.70
C ASN A 25 16.78 -20.08 13.72
N ILE A 26 18.03 -20.34 13.40
CA ILE A 26 18.63 -21.63 13.70
C ILE A 26 19.14 -21.54 15.12
N GLU A 27 18.68 -22.47 15.96
CA GLU A 27 18.95 -22.39 17.40
C GLU A 27 20.42 -22.36 17.75
N ASN A 28 21.21 -23.17 17.04
CA ASN A 28 22.62 -23.30 17.40
C ASN A 28 23.57 -22.38 16.63
N ALA A 29 23.02 -21.39 15.94
CA ALA A 29 23.84 -20.39 15.27
C ALA A 29 23.52 -19.00 15.80
N ASN A 30 24.49 -18.10 15.72
CA ASN A 30 24.23 -16.71 16.11
C ASN A 30 24.36 -15.79 14.91
N TYR A 31 23.43 -15.91 13.96
CA TYR A 31 23.46 -15.07 12.78
C TYR A 31 22.92 -13.67 13.05
N SER A 32 23.54 -12.68 12.42
CA SER A 32 23.06 -11.30 12.52
C SER A 32 22.74 -10.78 11.13
N TRP A 33 21.47 -10.46 10.89
CA TRP A 33 21.00 -10.15 9.55
C TRP A 33 21.08 -8.68 9.12
N GLY A 34 21.11 -7.76 10.08
CA GLY A 34 21.10 -6.33 9.75
C GLY A 34 19.74 -5.82 9.32
N THR A 35 18.75 -6.72 9.42
CA THR A 35 17.39 -6.45 9.00
C THR A 35 16.48 -7.26 9.94
N GLU A 36 15.28 -6.78 10.27
CA GLU A 36 14.37 -7.56 11.11
C GLU A 36 13.89 -8.80 10.37
N LEU A 37 13.55 -9.84 11.13
CA LEU A 37 13.00 -11.06 10.52
C LEU A 37 11.84 -10.77 9.58
N SER A 38 11.86 -11.45 8.44
CA SER A 38 10.85 -11.35 7.39
C SER A 38 10.93 -10.07 6.53
N GLU A 39 11.79 -9.11 6.88
CA GLU A 39 11.83 -7.84 6.14
C GLU A 39 12.73 -7.92 4.91
N LEU A 40 12.39 -7.16 3.88
CA LEU A 40 13.24 -7.05 2.69
C LEU A 40 14.57 -6.38 3.05
N THR A 41 15.66 -6.98 2.58
CA THR A 41 17.01 -6.44 2.83
C THR A 41 17.35 -5.43 1.73
N PRO A 42 18.43 -4.65 1.92
CA PRO A 42 18.94 -3.80 0.83
C PRO A 42 19.23 -4.61 -0.43
N ILE A 43 19.80 -5.80 -0.28
CA ILE A 43 19.99 -6.68 -1.43
C ILE A 43 18.66 -6.95 -2.14
N GLY A 44 17.60 -7.16 -1.37
CA GLY A 44 16.29 -7.46 -1.94
C GLY A 44 15.69 -6.26 -2.66
N MET A 45 15.90 -5.07 -2.09
CA MET A 45 15.47 -3.83 -2.74
C MET A 45 16.19 -3.70 -4.08
N ASN A 46 17.47 -3.99 -4.08
CA ASN A 46 18.28 -3.89 -5.29
C ASN A 46 17.83 -4.86 -6.37
N GLN A 47 17.48 -6.09 -5.97
CA GLN A 47 17.04 -7.10 -6.92
C GLN A 47 15.77 -6.68 -7.60
N GLU A 48 14.82 -6.18 -6.82
CA GLU A 48 13.55 -5.76 -7.40
C GLU A 48 13.73 -4.50 -8.26
N TYR A 49 14.57 -3.58 -7.80
CA TYR A 49 14.88 -2.36 -8.57
C TYR A 49 15.47 -2.74 -9.94
N ASN A 50 16.41 -3.66 -9.93
CA ASN A 50 16.99 -4.10 -11.19
C ASN A 50 15.99 -4.84 -12.09
N LEU A 51 15.09 -5.61 -11.49
CA LEU A 51 14.01 -6.24 -12.26
C LEU A 51 13.15 -5.16 -12.91
N GLY A 52 12.86 -4.10 -12.16
CA GLY A 52 12.15 -2.95 -12.73
C GLY A 52 12.85 -2.33 -13.93
N LEU A 53 14.16 -2.11 -13.83
CA LEU A 53 14.94 -1.58 -14.96
C LEU A 53 14.83 -2.49 -16.17
N GLN A 54 14.89 -3.80 -15.92
CA GLN A 54 14.78 -4.76 -17.00
C GLN A 54 13.41 -4.76 -17.65
N LEU A 55 12.37 -4.62 -16.82
CA LEU A 55 11.01 -4.52 -17.31
C LEU A 55 10.79 -3.25 -18.12
N ARG A 56 11.49 -2.18 -17.77
CA ARG A 56 11.43 -0.94 -18.55
C ARG A 56 12.03 -1.21 -19.94
N LYS A 57 13.17 -1.90 -19.97
CA LYS A 57 13.81 -2.16 -21.26
C LYS A 57 12.92 -3.03 -22.14
N ARG A 58 12.18 -3.92 -21.50
CA ARG A 58 11.31 -4.82 -22.24
C ARG A 58 9.99 -4.16 -22.63
N TYR A 59 9.22 -3.73 -21.64
CA TYR A 59 7.84 -3.30 -21.90
C TYR A 59 7.68 -1.84 -22.31
N ILE A 60 8.69 -1.03 -22.04
CA ILE A 60 8.69 0.36 -22.47
C ILE A 60 9.55 0.48 -23.72
N ASP A 61 10.83 0.14 -23.63
CA ASP A 61 11.71 0.33 -24.78
C ASP A 61 11.47 -0.59 -25.98
N LYS A 62 11.38 -1.88 -25.71
CA LYS A 62 11.29 -2.88 -26.77
C LYS A 62 9.88 -2.98 -27.38
N PHE A 63 8.88 -3.23 -26.54
CA PHE A 63 7.51 -3.38 -27.02
C PHE A 63 6.71 -2.07 -27.11
N GLY A 64 7.13 -1.05 -26.37
CA GLY A 64 6.39 0.20 -26.35
C GLY A 64 4.97 0.10 -25.82
N LEU A 65 4.71 -0.92 -25.01
CA LEU A 65 3.38 -1.05 -24.40
C LEU A 65 3.12 0.12 -23.46
N LEU A 66 4.12 0.43 -22.65
CA LEU A 66 4.05 1.50 -21.65
C LEU A 66 4.90 2.70 -22.07
N PRO A 67 4.48 3.91 -21.70
CA PRO A 67 5.22 5.14 -22.02
C PRO A 67 6.41 5.35 -21.08
N GLU A 68 7.31 6.25 -21.45
CA GLU A 68 8.50 6.51 -20.64
C GLU A 68 8.18 7.24 -19.34
N HIS A 69 7.08 7.99 -19.33
CA HIS A 69 6.64 8.70 -18.13
C HIS A 69 5.32 8.13 -17.68
N TYR A 70 5.18 7.88 -16.37
CA TYR A 70 4.03 7.15 -15.86
C TYR A 70 2.69 7.85 -16.11
N VAL A 71 1.74 7.10 -16.67
CA VAL A 71 0.38 7.59 -16.88
C VAL A 71 -0.50 7.11 -15.72
N ASP A 72 -1.11 8.06 -15.02
CA ASP A 72 -1.97 7.69 -13.89
C ASP A 72 -3.10 6.76 -14.33
N GLN A 73 -3.32 5.74 -13.51
CA GLN A 73 -4.31 4.68 -13.75
C GLN A 73 -3.96 3.73 -14.89
N SER A 74 -2.70 3.73 -15.33
CA SER A 74 -2.25 2.82 -16.39
C SER A 74 -1.79 1.46 -15.84
N ILE A 75 -1.37 1.44 -14.58
CA ILE A 75 -0.94 0.19 -13.96
C ILE A 75 -1.68 -0.02 -12.64
N TYR A 76 -2.28 -1.18 -12.47
CA TYR A 76 -2.90 -1.53 -11.19
C TYR A 76 -1.94 -2.40 -10.41
N VAL A 77 -1.50 -1.95 -9.24
CA VAL A 77 -0.59 -2.76 -8.41
C VAL A 77 -1.27 -3.20 -7.13
N LEU A 78 -1.30 -4.52 -6.90
CA LEU A 78 -1.93 -5.07 -5.71
C LEU A 78 -0.94 -5.99 -5.01
N SER A 79 -0.70 -5.73 -3.72
CA SER A 79 0.28 -6.50 -2.96
C SER A 79 -0.38 -7.32 -1.86
N SER A 80 0.24 -8.43 -1.47
CA SER A 80 -0.21 -9.10 -0.25
C SER A 80 0.08 -8.17 0.92
N HIS A 81 -0.45 -8.51 2.08
CA HIS A 81 -0.38 -7.64 3.25
C HIS A 81 0.89 -7.94 4.04
N THR A 82 2.04 -7.75 3.41
CA THR A 82 3.34 -7.88 4.10
C THR A 82 4.23 -6.71 3.75
N ASN A 83 5.14 -6.34 4.65
CA ASN A 83 6.02 -5.24 4.34
C ASN A 83 6.89 -5.58 3.13
N ARG A 84 7.41 -6.80 3.09
CA ARG A 84 8.35 -7.14 2.02
C ARG A 84 7.74 -7.10 0.61
N THR A 85 6.47 -7.44 0.47
CA THR A 85 5.87 -7.39 -0.86
C THR A 85 5.51 -5.96 -1.28
N VAL A 86 5.14 -5.12 -0.30
CA VAL A 86 4.93 -3.71 -0.65
C VAL A 86 6.25 -3.06 -1.04
N VAL A 87 7.27 -3.24 -0.19
CA VAL A 87 8.56 -2.65 -0.48
C VAL A 87 9.16 -3.24 -1.76
N SER A 88 8.91 -4.52 -2.03
CA SER A 88 9.39 -5.09 -3.30
C SER A 88 8.74 -4.40 -4.50
N ALA A 89 7.43 -4.19 -4.42
CA ALA A 89 6.73 -3.53 -5.52
C ALA A 89 7.22 -2.09 -5.67
N GLN A 90 7.40 -1.38 -4.55
CA GLN A 90 7.92 0.00 -4.61
C GLN A 90 9.29 0.04 -5.29
N SER A 91 10.17 -0.88 -4.88
CA SER A 91 11.52 -0.94 -5.41
C SER A 91 11.50 -1.24 -6.90
N LEU A 92 10.66 -2.20 -7.30
CA LEU A 92 10.52 -2.54 -8.72
C LEU A 92 10.06 -1.32 -9.51
N LEU A 93 9.08 -0.60 -8.99
CA LEU A 93 8.52 0.56 -9.69
C LEU A 93 9.53 1.70 -9.78
N MET A 94 10.50 1.72 -8.87
CA MET A 94 11.61 2.66 -8.93
CA MET A 94 11.55 2.70 -8.99
C MET A 94 12.54 2.36 -10.10
N GLY A 95 12.45 1.14 -10.61
CA GLY A 95 13.21 0.76 -11.80
C GLY A 95 12.39 0.96 -13.06
N LEU A 96 11.11 0.63 -12.97
CA LEU A 96 10.24 0.70 -14.13
C LEU A 96 10.03 2.15 -14.54
N TYR A 97 9.88 3.02 -13.54
CA TYR A 97 9.70 4.45 -13.76
C TYR A 97 10.66 5.16 -12.84
N PRO A 98 11.91 5.27 -13.28
CA PRO A 98 13.02 5.70 -12.43
C PRO A 98 13.09 7.20 -12.18
N ALA A 99 13.91 7.57 -11.21
CA ALA A 99 14.23 8.97 -10.95
C ALA A 99 14.57 9.65 -12.27
N GLY A 100 14.07 10.87 -12.44
CA GLY A 100 14.24 11.58 -13.69
C GLY A 100 13.00 11.57 -14.56
N THR A 101 12.10 10.60 -14.34
CA THR A 101 10.90 10.49 -15.17
C THR A 101 9.63 11.00 -14.48
N GLY A 102 9.74 11.30 -13.18
CA GLY A 102 8.57 11.75 -12.41
C GLY A 102 8.08 13.13 -12.78
N PRO A 103 6.90 13.51 -12.25
CA PRO A 103 6.18 14.69 -12.71
C PRO A 103 6.88 15.99 -12.38
N LEU A 104 6.55 17.01 -13.16
CA LEU A 104 7.04 18.37 -12.94
C LEU A 104 5.91 19.30 -12.51
N ILE A 105 6.30 20.36 -11.79
CA ILE A 105 5.38 21.43 -11.45
C ILE A 105 5.97 22.74 -11.99
N GLY A 106 5.17 23.81 -12.00
CA GLY A 106 5.65 25.12 -12.39
C GLY A 106 6.34 25.14 -13.74
N ASP A 107 7.54 25.70 -13.79
CA ASP A 107 8.33 25.77 -15.00
C ASP A 107 9.37 24.66 -15.02
N GLY A 108 8.91 23.44 -15.24
CA GLY A 108 9.79 22.29 -15.33
C GLY A 108 10.58 21.98 -14.06
N ASP A 109 10.03 22.37 -12.91
CA ASP A 109 10.62 22.02 -11.63
C ASP A 109 10.03 20.71 -11.14
N PRO A 110 10.86 19.85 -10.52
CA PRO A 110 10.37 18.52 -10.12
C PRO A 110 9.37 18.58 -8.98
N ALA A 111 8.33 17.75 -9.06
CA ALA A 111 7.31 17.70 -8.01
C ALA A 111 7.95 17.15 -6.75
N ILE A 112 8.84 16.19 -6.93
CA ILE A 112 9.64 15.61 -5.85
C ILE A 112 11.09 15.64 -6.31
N LYS A 113 12.02 15.91 -5.38
CA LYS A 113 13.44 15.96 -5.72
C LYS A 113 13.86 14.72 -6.50
N ASP A 114 14.71 14.95 -7.52
CA ASP A 114 15.22 13.89 -8.39
C ASP A 114 14.13 13.32 -9.31
N ARG A 115 12.99 13.99 -9.37
CA ARG A 115 11.88 13.54 -10.20
C ARG A 115 11.49 12.09 -9.93
N PHE A 116 11.35 11.74 -8.64
CA PHE A 116 10.77 10.45 -8.30
C PHE A 116 9.33 10.37 -8.81
N GLN A 117 8.91 9.15 -9.15
CA GLN A 117 7.56 8.89 -9.62
C GLN A 117 6.77 8.03 -8.63
N PRO A 118 5.87 8.65 -7.86
CA PRO A 118 5.03 7.79 -7.02
C PRO A 118 4.04 7.02 -7.87
N ILE A 119 3.84 5.74 -7.57
CA ILE A 119 2.84 4.92 -8.26
C ILE A 119 2.10 4.14 -7.18
N PRO A 120 0.75 4.25 -7.14
CA PRO A 120 0.04 3.68 -5.99
C PRO A 120 0.08 2.16 -5.92
N ILE A 121 0.22 1.65 -4.71
CA ILE A 121 0.18 0.23 -4.42
C ILE A 121 -0.93 -0.01 -3.41
N MET A 122 -1.91 -0.84 -3.77
CA MET A 122 -2.92 -1.24 -2.79
C MET A 122 -2.46 -2.53 -2.15
N THR A 123 -2.92 -2.78 -0.92
CA THR A 123 -2.67 -4.08 -0.28
C THR A 123 -3.98 -4.79 -0.05
N LEU A 124 -3.97 -6.10 -0.21
CA LEU A 124 -5.06 -6.92 0.26
C LEU A 124 -5.08 -6.88 1.78
N SER A 125 -6.19 -7.33 2.37
CA SER A 125 -6.24 -7.55 3.81
C SER A 125 -5.39 -8.76 4.20
N ALA A 126 -4.99 -8.82 5.46
CA ALA A 126 -4.16 -9.94 5.92
C ALA A 126 -4.86 -11.29 5.78
N ASP A 127 -6.19 -11.29 5.80
CA ASP A 127 -6.93 -12.56 5.73
C ASP A 127 -7.32 -12.96 4.31
N SER A 128 -6.88 -12.18 3.33
CA SER A 128 -7.19 -12.48 1.94
C SER A 128 -6.44 -13.73 1.49
N ARG A 129 -7.10 -14.56 0.68
CA ARG A 129 -6.47 -15.77 0.18
C ARG A 129 -5.94 -15.62 -1.24
N LEU A 130 -6.03 -14.41 -1.79
CA LEU A 130 -5.72 -14.20 -3.21
C LEU A 130 -4.24 -14.41 -3.57
N ILE A 131 -3.35 -13.73 -2.86
CA ILE A 131 -1.92 -13.72 -3.22
C ILE A 131 -1.10 -14.55 -2.26
N GLN A 132 -1.44 -14.43 -0.98
CA GLN A 132 -0.80 -15.23 0.05
C GLN A 132 -1.84 -16.02 0.84
N PHE A 133 -1.88 -17.34 0.60
CA PHE A 133 -2.79 -18.20 1.35
C PHE A 133 -2.39 -18.18 2.82
N PRO A 134 -3.34 -17.87 3.71
CA PRO A 134 -3.10 -17.83 5.16
C PRO A 134 -2.34 -19.07 5.62
N TYR A 135 -1.29 -18.87 6.42
CA TYR A 135 -0.32 -19.93 6.73
C TYR A 135 -0.93 -21.19 7.33
N GLU A 136 -1.85 -21.03 8.28
CA GLU A 136 -2.47 -22.17 8.95
C GLU A 136 -3.31 -22.96 7.97
N GLN A 137 -4.01 -22.26 7.09
CA GLN A 137 -4.82 -22.91 6.06
C GLN A 137 -3.93 -23.64 5.04
N TYR A 138 -2.81 -23.00 4.71
CA TYR A 138 -1.78 -23.59 3.85
C TYR A 138 -1.26 -24.90 4.43
N LEU A 139 -0.84 -24.87 5.70
CA LEU A 139 -0.32 -26.07 6.32
C LEU A 139 -1.39 -27.16 6.39
N ALA A 140 -2.64 -26.76 6.66
CA ALA A 140 -3.76 -27.70 6.64
C ALA A 140 -3.93 -28.36 5.28
N VAL A 141 -3.74 -27.59 4.21
CA VAL A 141 -3.78 -28.14 2.86
C VAL A 141 -2.65 -29.15 2.65
N LEU A 142 -1.44 -28.81 3.10
CA LEU A 142 -0.32 -29.74 3.02
C LEU A 142 -0.58 -31.03 3.80
N LYS A 143 -1.03 -30.89 5.04
CA LYS A 143 -1.29 -32.05 5.90
C LYS A 143 -2.27 -33.01 5.26
N LYS A 144 -3.28 -32.45 4.60
CA LYS A 144 -4.34 -33.26 4.01
C LYS A 144 -3.97 -33.88 2.67
N TYR A 145 -3.35 -33.09 1.79
CA TYR A 145 -3.15 -33.50 0.40
C TYR A 145 -1.71 -33.85 0.01
N VAL A 146 -0.74 -33.34 0.77
CA VAL A 146 0.67 -33.46 0.34
C VAL A 146 1.50 -34.42 1.18
N TYR A 147 1.44 -34.29 2.50
CA TYR A 147 2.38 -35.02 3.36
C TYR A 147 2.26 -36.55 3.27
N ASN A 148 1.09 -37.05 2.87
CA ASN A 148 0.90 -38.49 2.75
C ASN A 148 0.92 -39.01 1.31
N SER A 149 1.17 -38.11 0.36
CA SER A 149 1.29 -38.51 -1.05
C SER A 149 2.49 -39.44 -1.19
N PRO A 150 2.43 -40.35 -2.18
CA PRO A 150 3.51 -41.33 -2.32
C PRO A 150 4.88 -40.67 -2.47
N GLU A 151 4.94 -39.58 -3.23
CA GLU A 151 6.20 -38.89 -3.47
C GLU A 151 6.77 -38.31 -2.18
N TRP A 152 5.92 -37.73 -1.35
CA TRP A 152 6.38 -37.13 -0.10
C TRP A 152 6.83 -38.21 0.88
N GLN A 153 6.08 -39.30 0.95
CA GLN A 153 6.44 -40.42 1.81
C GLN A 153 7.75 -41.07 1.36
N ASN A 154 7.93 -41.24 0.05
CA ASN A 154 9.16 -41.85 -0.44
C ASN A 154 10.37 -40.99 -0.14
N LYS A 155 10.22 -39.69 -0.33
CA LYS A 155 11.32 -38.77 -0.09
C LYS A 155 11.60 -38.66 1.41
N THR A 156 10.55 -38.75 2.22
CA THR A 156 10.73 -38.78 3.67
C THR A 156 11.58 -39.97 4.10
N LYS A 157 11.26 -41.16 3.58
CA LYS A 157 12.02 -42.36 3.90
C LYS A 157 13.50 -42.20 3.52
N GLU A 158 13.76 -41.58 2.37
CA GLU A 158 15.12 -41.43 1.90
C GLU A 158 15.91 -40.46 2.77
N ALA A 159 15.25 -39.39 3.22
CA ALA A 159 15.92 -38.33 3.98
C ALA A 159 15.95 -38.61 5.48
N ALA A 160 15.01 -39.42 5.95
CA ALA A 160 14.83 -39.71 7.38
C ALA A 160 16.08 -40.10 8.19
N PRO A 161 17.02 -40.88 7.60
CA PRO A 161 18.23 -41.25 8.34
C PRO A 161 19.13 -40.08 8.74
N ASN A 162 18.84 -38.89 8.23
CA ASN A 162 19.65 -37.72 8.52
C ASN A 162 19.03 -36.80 9.57
N PHE A 163 17.78 -37.06 9.94
CA PHE A 163 17.05 -36.14 10.82
C PHE A 163 17.69 -35.98 12.20
N ALA A 164 18.10 -37.09 12.81
CA ALA A 164 18.67 -37.04 14.16
C ALA A 164 19.92 -36.17 14.19
N LYS A 165 20.79 -36.40 13.21
CA LYS A 165 22.05 -35.68 13.10
C LYS A 165 21.79 -34.19 12.87
N TRP A 166 20.92 -33.89 11.92
CA TRP A 166 20.59 -32.50 11.62
C TRP A 166 19.99 -31.79 12.82
N GLN A 167 19.14 -32.50 13.58
CA GLN A 167 18.51 -31.89 14.74
C GLN A 167 19.55 -31.57 15.81
N GLN A 168 20.47 -32.50 16.01
CA GLN A 168 21.48 -32.29 17.04
C GLN A 168 22.44 -31.15 16.66
N ILE A 169 22.75 -31.02 15.37
CA ILE A 169 23.62 -29.94 14.90
C ILE A 169 22.96 -28.56 14.96
N LEU A 170 21.75 -28.45 14.42
CA LEU A 170 21.05 -27.17 14.29
C LEU A 170 20.28 -26.75 15.55
N GLY A 171 19.85 -27.75 16.32
CA GLY A 171 19.07 -27.51 17.53
C GLY A 171 17.56 -27.54 17.29
N ASN A 172 17.13 -26.89 16.21
CA ASN A 172 15.73 -26.90 15.79
C ASN A 172 15.22 -28.33 15.65
N ARG A 173 13.94 -28.55 15.97
CA ARG A 173 13.34 -29.87 15.80
C ARG A 173 13.35 -30.27 14.33
N ILE A 174 13.75 -31.51 14.05
CA ILE A 174 13.72 -32.05 12.70
C ILE A 174 13.16 -33.45 12.78
N SER A 175 11.90 -33.63 12.38
CA SER A 175 11.30 -34.96 12.45
C SER A 175 10.53 -35.31 11.18
N GLY A 176 10.66 -34.47 10.16
CA GLY A 176 10.02 -34.69 8.88
C GLY A 176 10.50 -33.68 7.86
N LEU A 177 10.13 -33.87 6.60
CA LEU A 177 10.49 -32.94 5.54
C LEU A 177 10.00 -31.52 5.81
N ASN A 178 8.86 -31.39 6.48
CA ASN A 178 8.35 -30.07 6.81
C ASN A 178 9.35 -29.27 7.64
N ASP A 179 10.00 -29.96 8.59
CA ASP A 179 10.99 -29.33 9.46
C ASP A 179 12.28 -29.02 8.69
N VAL A 180 12.61 -29.87 7.71
CA VAL A 180 13.76 -29.64 6.85
C VAL A 180 13.59 -28.34 6.07
N ILE A 181 12.40 -28.16 5.48
CA ILE A 181 12.08 -26.93 4.76
C ILE A 181 12.18 -25.70 5.65
N THR A 182 11.74 -25.83 6.90
CA THR A 182 11.80 -24.75 7.88
C THR A 182 13.22 -24.25 8.12
N VAL A 183 14.15 -25.17 8.38
CA VAL A 183 15.54 -24.77 8.60
C VAL A 183 16.25 -24.50 7.26
N GLY A 184 15.79 -25.14 6.20
CA GLY A 184 16.35 -24.91 4.89
C GLY A 184 16.27 -23.46 4.43
N ASP A 185 15.16 -22.79 4.73
CA ASP A 185 15.03 -21.38 4.36
C ASP A 185 16.07 -20.54 5.07
N VAL A 186 16.37 -20.88 6.33
CA VAL A 186 17.36 -20.09 7.07
C VAL A 186 18.72 -20.28 6.41
N LEU A 187 19.02 -21.50 6.01
CA LEU A 187 20.31 -21.78 5.38
C LEU A 187 20.41 -21.10 4.02
N ILE A 188 19.28 -20.96 3.33
CA ILE A 188 19.26 -20.25 2.05
C ILE A 188 19.59 -18.78 2.27
N VAL A 189 19.00 -18.19 3.29
CA VAL A 189 19.29 -16.80 3.63
C VAL A 189 20.74 -16.63 4.04
N ALA A 190 21.24 -17.52 4.90
CA ALA A 190 22.63 -17.49 5.31
C ALA A 190 23.58 -17.53 4.10
N GLN A 191 23.32 -18.44 3.18
CA GLN A 191 24.17 -18.55 1.99
C GLN A 191 24.10 -17.29 1.15
N ALA A 192 22.88 -16.74 1.02
CA ALA A 192 22.66 -15.54 0.21
C ALA A 192 23.41 -14.34 0.79
N HIS A 193 23.61 -14.34 2.11
CA HIS A 193 24.38 -13.28 2.77
C HIS A 193 25.83 -13.61 3.10
N GLY A 194 26.31 -14.72 2.56
CA GLY A 194 27.70 -15.11 2.75
C GLY A 194 28.10 -15.43 4.17
N LYS A 195 27.15 -15.91 4.97
CA LYS A 195 27.45 -16.26 6.35
C LYS A 195 28.14 -17.61 6.39
N PRO A 196 28.94 -17.83 7.43
CA PRO A 196 29.54 -19.16 7.58
C PRO A 196 28.47 -20.19 7.94
N LEU A 197 28.82 -21.46 7.74
CA LEU A 197 27.94 -22.56 8.09
C LEU A 197 27.82 -22.67 9.61
N PRO A 198 26.69 -23.18 10.10
CA PRO A 198 26.59 -23.49 11.54
C PRO A 198 27.68 -24.48 11.89
N LYS A 199 28.19 -24.41 13.11
CA LYS A 199 29.26 -25.31 13.52
C LYS A 199 28.79 -26.75 13.38
N GLY A 200 29.59 -27.58 12.73
CA GLY A 200 29.28 -28.99 12.60
C GLY A 200 28.36 -29.34 11.45
N LEU A 201 27.87 -28.34 10.73
CA LEU A 201 27.10 -28.58 9.51
C LEU A 201 28.03 -28.43 8.31
N SER A 202 28.36 -29.55 7.69
CA SER A 202 29.27 -29.53 6.53
C SER A 202 28.57 -28.89 5.34
N GLN A 203 29.35 -28.48 4.35
CA GLN A 203 28.76 -27.90 3.14
C GLN A 203 27.87 -28.94 2.48
N GLU A 204 28.35 -30.18 2.49
CA GLU A 204 27.59 -31.32 1.96
C GLU A 204 26.20 -31.40 2.58
N ASP A 205 26.13 -31.38 3.92
CA ASP A 205 24.85 -31.39 4.61
C ASP A 205 24.00 -30.17 4.32
N ALA A 206 24.61 -28.99 4.30
CA ALA A 206 23.85 -27.78 4.01
C ALA A 206 23.25 -27.90 2.62
N ASP A 207 24.05 -28.38 1.67
CA ASP A 207 23.58 -28.57 0.30
C ASP A 207 22.37 -29.52 0.24
N GLN A 208 22.43 -30.62 0.98
CA GLN A 208 21.35 -31.61 1.02
C GLN A 208 20.07 -31.01 1.58
N ILE A 209 20.20 -30.25 2.67
CA ILE A 209 19.02 -29.64 3.29
C ILE A 209 18.39 -28.61 2.34
N ILE A 210 19.23 -27.80 1.72
CA ILE A 210 18.75 -26.80 0.77
C ILE A 210 18.09 -27.48 -0.44
N ALA A 211 18.69 -28.55 -0.94
CA ALA A 211 18.11 -29.29 -2.07
C ALA A 211 16.74 -29.87 -1.70
N LEU A 212 16.61 -30.37 -0.48
CA LEU A 212 15.33 -30.93 -0.04
C LEU A 212 14.28 -29.84 0.09
N THR A 213 14.71 -28.66 0.52
CA THR A 213 13.83 -27.53 0.65
C THR A 213 13.29 -27.14 -0.73
N ASP A 214 14.20 -27.02 -1.70
CA ASP A 214 13.81 -26.68 -3.06
C ASP A 214 12.85 -27.74 -3.63
N TRP A 215 13.21 -29.00 -3.45
CA TRP A 215 12.37 -30.11 -3.91
C TRP A 215 10.99 -30.09 -3.27
N GLY A 216 10.95 -29.88 -1.96
CA GLY A 216 9.70 -29.93 -1.22
C GLY A 216 8.71 -28.86 -1.64
N LEU A 217 9.21 -27.64 -1.76
CA LEU A 217 8.36 -26.52 -2.17
C LEU A 217 7.77 -26.76 -3.56
N ALA A 218 8.59 -27.23 -4.49
CA ALA A 218 8.10 -27.48 -5.84
C ALA A 218 7.14 -28.68 -5.86
N GLN A 219 7.43 -29.70 -5.05
CA GLN A 219 6.63 -30.93 -5.05
C GLN A 219 5.18 -30.65 -4.68
N GLN A 220 4.97 -29.72 -3.76
CA GLN A 220 3.63 -29.35 -3.28
C GLN A 220 2.70 -28.99 -4.43
N PHE A 221 3.27 -28.41 -5.48
CA PHE A 221 2.45 -27.86 -6.55
C PHE A 221 2.48 -28.68 -7.82
N LYS A 222 3.11 -29.85 -7.73
CA LYS A 222 3.01 -30.85 -8.78
C LYS A 222 1.60 -31.44 -8.78
N SER A 223 0.88 -31.21 -7.68
CA SER A 223 -0.55 -31.52 -7.64
C SER A 223 -1.38 -30.34 -8.13
N GLN A 224 -2.11 -30.54 -9.22
CA GLN A 224 -2.93 -29.45 -9.72
C GLN A 224 -4.08 -29.11 -8.75
N LYS A 225 -4.55 -30.11 -8.02
CA LYS A 225 -5.62 -29.91 -7.05
C LYS A 225 -5.15 -28.98 -5.93
N VAL A 226 -3.98 -29.25 -5.36
CA VAL A 226 -3.38 -28.37 -4.36
C VAL A 226 -3.17 -26.97 -4.94
N SER A 227 -2.65 -26.93 -6.16
CA SER A 227 -2.36 -25.66 -6.81
C SER A 227 -3.63 -24.86 -6.97
N TYR A 228 -4.71 -25.52 -7.37
CA TYR A 228 -5.97 -24.84 -7.59
C TYR A 228 -6.61 -24.32 -6.30
N ILE A 229 -6.58 -25.12 -5.25
CA ILE A 229 -7.11 -24.69 -3.97
C ILE A 229 -6.53 -23.32 -3.58
N MET A 230 -5.22 -23.19 -3.74
CA MET A 230 -4.51 -21.97 -3.33
C MET A 230 -4.41 -20.90 -4.41
N GLY A 231 -4.35 -21.32 -5.67
CA GLY A 231 -4.03 -20.39 -6.75
C GLY A 231 -5.09 -20.23 -7.82
N GLY A 232 -6.19 -20.98 -7.70
CA GLY A 232 -7.27 -20.88 -8.66
C GLY A 232 -7.84 -19.48 -8.76
N LYS A 233 -8.00 -18.82 -7.60
CA LYS A 233 -8.58 -17.49 -7.56
C LYS A 233 -7.74 -16.46 -8.32
N LEU A 234 -6.43 -16.47 -8.04
CA LEU A 234 -5.54 -15.51 -8.71
C LEU A 234 -5.37 -15.83 -10.20
N THR A 235 -5.32 -17.10 -10.54
CA THR A 235 -5.16 -17.49 -11.93
C THR A 235 -6.37 -17.02 -12.74
N ASN A 236 -7.56 -17.26 -12.21
CA ASN A 236 -8.77 -16.75 -12.83
C ASN A 236 -8.74 -15.24 -12.97
N ARG A 237 -8.26 -14.56 -11.93
CA ARG A 237 -8.25 -13.10 -11.94
C ARG A 237 -7.33 -12.53 -13.02
N MET A 238 -6.17 -13.14 -13.19
CA MET A 238 -5.23 -12.70 -14.21
C MET A 238 -5.80 -12.87 -15.61
N ILE A 239 -6.46 -14.00 -15.86
CA ILE A 239 -7.04 -14.21 -17.17
C ILE A 239 -8.20 -13.24 -17.40
N GLU A 240 -8.95 -12.96 -16.33
CA GLU A 240 -10.01 -11.96 -16.41
C GLU A 240 -9.44 -10.57 -16.71
N ASP A 241 -8.24 -10.28 -16.20
CA ASP A 241 -7.58 -9.01 -16.51
C ASP A 241 -7.35 -8.90 -18.01
N LEU A 242 -6.87 -9.99 -18.60
CA LEU A 242 -6.65 -10.06 -20.04
C LEU A 242 -7.94 -9.79 -20.79
N ASN A 243 -9.02 -10.47 -20.37
CA ASN A 243 -10.33 -10.27 -20.98
C ASN A 243 -10.80 -8.82 -20.89
N ASN A 244 -10.50 -8.17 -19.77
CA ASN A 244 -10.89 -6.80 -19.56
C ASN A 244 -10.15 -5.79 -20.44
N ALA A 245 -9.00 -6.20 -20.98
CA ALA A 245 -8.22 -5.34 -21.87
C ALA A 245 -8.80 -5.40 -23.28
N VAL A 246 -9.71 -6.34 -23.50
CA VAL A 246 -10.32 -6.57 -24.80
C VAL A 246 -11.79 -6.14 -24.83
N ASN A 247 -12.52 -6.45 -23.75
CA ASN A 247 -13.96 -6.22 -23.72
C ASN A 247 -14.35 -4.78 -23.34
N GLY A 248 -13.33 -3.95 -23.10
CA GLY A 248 -13.55 -2.54 -22.78
C GLY A 248 -13.82 -2.24 -21.32
N LYS A 249 -13.75 -3.25 -20.47
CA LYS A 249 -14.07 -3.06 -19.05
C LYS A 249 -12.98 -2.30 -18.30
N SER A 250 -11.76 -2.37 -18.79
CA SER A 250 -10.64 -1.71 -18.11
C SER A 250 -9.67 -1.03 -19.06
N LYS A 251 -9.01 0.02 -18.57
CA LYS A 251 -8.06 0.78 -19.38
C LYS A 251 -6.61 0.60 -18.88
N TYR A 252 -6.43 -0.30 -17.91
CA TYR A 252 -5.09 -0.63 -17.47
C TYR A 252 -4.27 -1.24 -18.61
N LYS A 253 -2.99 -0.90 -18.64
CA LYS A 253 -2.04 -1.53 -19.55
C LYS A 253 -1.37 -2.72 -18.88
N MET A 254 -1.36 -2.70 -17.55
CA MET A 254 -0.73 -3.76 -16.78
C MET A 254 -1.44 -3.91 -15.45
N THR A 255 -1.63 -5.16 -15.02
CA THR A 255 -1.91 -5.45 -13.62
C THR A 255 -0.72 -6.19 -13.03
N TYR A 256 -0.34 -5.82 -11.81
CA TYR A 256 0.86 -6.35 -11.17
C TYR A 256 0.49 -6.81 -9.78
N TYR A 257 0.66 -8.11 -9.53
CA TYR A 257 0.38 -8.70 -8.23
C TYR A 257 1.72 -9.00 -7.55
N SER A 258 2.02 -8.25 -6.47
CA SER A 258 3.27 -8.44 -5.73
C SER A 258 3.08 -9.52 -4.67
N GLY A 259 3.79 -10.64 -4.85
CA GLY A 259 3.55 -11.80 -4.01
C GLY A 259 4.82 -12.53 -3.65
N HIS A 260 4.69 -13.85 -3.51
CA HIS A 260 5.66 -14.69 -2.81
C HIS A 260 6.02 -15.90 -3.66
N ALA A 261 6.97 -16.71 -3.21
CA ALA A 261 7.29 -17.96 -3.89
C ALA A 261 6.03 -18.80 -4.16
N LEU A 262 5.18 -18.97 -3.15
CA LEU A 262 3.98 -19.77 -3.30
C LEU A 262 3.02 -19.19 -4.33
N THR A 263 3.00 -17.86 -4.45
CA THR A 263 2.11 -17.23 -5.42
C THR A 263 2.48 -17.69 -6.84
N LEU A 264 3.77 -17.68 -7.14
CA LEU A 264 4.25 -18.16 -8.43
C LEU A 264 3.99 -19.66 -8.60
N LEU A 265 4.34 -20.43 -7.58
CA LEU A 265 4.10 -21.87 -7.58
C LEU A 265 2.63 -22.24 -7.82
N GLU A 266 1.72 -21.58 -7.10
CA GLU A 266 0.31 -21.97 -7.20
C GLU A 266 -0.31 -21.60 -8.55
N VAL A 267 0.16 -20.52 -9.17
CA VAL A 267 -0.38 -20.15 -10.47
C VAL A 267 0.15 -21.06 -11.57
N MET A 268 1.48 -21.26 -11.61
CA MET A 268 2.05 -22.17 -12.59
C MET A 268 1.48 -23.59 -12.42
N GLY A 269 1.30 -24.00 -11.17
CA GLY A 269 0.70 -25.29 -10.88
C GLY A 269 -0.74 -25.37 -11.33
N THR A 270 -1.50 -24.30 -11.14
CA THR A 270 -2.90 -24.27 -11.56
C THR A 270 -3.03 -24.41 -13.08
N LEU A 271 -2.12 -23.74 -13.80
CA LEU A 271 -2.13 -23.75 -15.26
C LEU A 271 -1.63 -25.08 -15.85
N GLY A 272 -1.22 -26.01 -14.99
CA GLY A 272 -0.78 -27.31 -15.46
C GLY A 272 0.67 -27.31 -15.93
N VAL A 273 1.42 -26.29 -15.54
CA VAL A 273 2.83 -26.22 -15.90
C VAL A 273 3.65 -25.98 -14.65
N PRO A 274 3.58 -26.92 -13.69
CA PRO A 274 4.23 -26.63 -12.40
C PRO A 274 5.75 -26.52 -12.52
N LEU A 275 6.34 -25.61 -11.75
CA LEU A 275 7.79 -25.38 -11.75
C LEU A 275 8.56 -26.61 -11.26
N ASP A 276 9.72 -26.87 -11.87
CA ASP A 276 10.57 -27.96 -11.43
C ASP A 276 11.30 -27.58 -10.15
N THR A 277 11.57 -26.28 -10.00
CA THR A 277 12.35 -25.79 -8.87
C THR A 277 11.69 -24.58 -8.20
N ALA A 278 11.90 -24.43 -6.90
CA ALA A 278 11.27 -23.32 -6.17
C ALA A 278 11.78 -21.98 -6.69
N PRO A 279 10.87 -21.00 -6.84
CA PRO A 279 11.24 -19.68 -7.38
C PRO A 279 12.24 -18.97 -6.49
N GLY A 280 13.33 -18.46 -7.07
CA GLY A 280 14.27 -17.65 -6.31
C GLY A 280 13.76 -16.23 -6.12
N TYR A 281 14.53 -15.39 -5.42
CA TYR A 281 14.11 -14.01 -5.19
C TYR A 281 13.89 -13.24 -6.48
N ALA A 282 12.83 -12.42 -6.48
CA ALA A 282 12.46 -11.61 -7.65
C ALA A 282 12.16 -12.44 -8.90
N SER A 283 11.76 -13.69 -8.71
CA SER A 283 11.25 -14.48 -9.82
C SER A 283 9.96 -13.80 -10.27
N ASN A 284 9.58 -14.03 -11.52
CA ASN A 284 8.47 -13.28 -12.07
C ASN A 284 7.80 -14.00 -13.22
N LEU A 285 6.48 -13.86 -13.32
CA LEU A 285 5.76 -14.38 -14.47
C LEU A 285 4.90 -13.31 -15.11
N GLU A 286 4.79 -13.35 -16.43
CA GLU A 286 3.97 -12.40 -17.18
C GLU A 286 3.05 -13.14 -18.13
N MET A 287 1.77 -12.79 -18.09
CA MET A 287 0.84 -13.16 -19.15
C MET A 287 0.78 -11.99 -20.12
N GLU A 288 1.20 -12.22 -21.36
CA GLU A 288 1.25 -11.16 -22.35
C GLU A 288 0.12 -11.33 -23.35
N LEU A 289 -0.62 -10.25 -23.59
CA LEU A 289 -1.73 -10.25 -24.55
C LEU A 289 -1.39 -9.41 -25.79
N TYR A 290 -1.50 -10.02 -26.97
CA TYR A 290 -1.19 -9.36 -28.24
C TYR A 290 -2.44 -9.21 -29.09
N LYS A 291 -2.48 -8.14 -29.88
CA LYS A 291 -3.61 -7.87 -30.77
C LYS A 291 -3.15 -7.67 -32.21
N ASP A 292 -3.77 -8.41 -33.11
CA ASP A 292 -3.66 -8.16 -34.54
C ASP A 292 -5.08 -8.10 -35.08
N GLY A 293 -5.63 -6.90 -35.15
CA GLY A 293 -7.02 -6.72 -35.54
C GLY A 293 -7.95 -7.41 -34.56
N ASP A 294 -8.64 -8.43 -35.04
CA ASP A 294 -9.61 -9.16 -34.21
C ASP A 294 -9.01 -10.43 -33.62
N ILE A 295 -7.74 -10.68 -33.90
CA ILE A 295 -7.08 -11.87 -33.39
C ILE A 295 -6.26 -11.54 -32.15
N TYR A 296 -6.58 -12.19 -31.04
CA TYR A 296 -5.87 -11.96 -29.79
C TYR A 296 -5.09 -13.20 -29.40
N THR A 297 -3.81 -13.01 -29.08
CA THR A 297 -2.92 -14.10 -28.75
C THR A 297 -2.25 -13.87 -27.40
N VAL A 298 -1.98 -14.96 -26.70
CA VAL A 298 -1.40 -14.89 -25.37
C VAL A 298 -0.09 -15.68 -25.31
N LYS A 299 0.89 -15.12 -24.60
CA LYS A 299 2.10 -15.88 -24.27
C LYS A 299 2.34 -15.79 -22.76
N LEU A 300 3.03 -16.81 -22.24
CA LEU A 300 3.32 -16.91 -20.83
C LEU A 300 4.82 -16.93 -20.62
N ARG A 301 5.35 -15.95 -19.88
CA ARG A 301 6.78 -15.83 -19.66
C ARG A 301 7.08 -16.06 -18.18
N TYR A 302 8.07 -16.90 -17.89
CA TYR A 302 8.52 -17.11 -16.52
C TYR A 302 10.02 -16.96 -16.45
N ASN A 303 10.49 -16.08 -15.57
CA ASN A 303 11.92 -15.82 -15.40
C ASN A 303 12.68 -15.67 -16.72
N GLY A 304 12.11 -14.90 -17.64
CA GLY A 304 12.79 -14.55 -18.87
C GLY A 304 12.67 -15.53 -20.02
N LYS A 305 11.84 -16.56 -19.87
CA LYS A 305 11.65 -17.54 -20.92
C LYS A 305 10.18 -17.87 -21.11
N TYR A 306 9.77 -18.05 -22.36
CA TYR A 306 8.39 -18.42 -22.64
C TYR A 306 8.11 -19.85 -22.19
N VAL A 307 6.86 -20.08 -21.76
CA VAL A 307 6.42 -21.37 -21.27
C VAL A 307 5.29 -21.89 -22.16
N LYS A 308 5.40 -23.16 -22.55
CA LYS A 308 4.38 -23.75 -23.42
C LYS A 308 3.31 -24.47 -22.62
N LEU A 309 2.12 -23.89 -22.57
CA LEU A 309 0.96 -24.56 -22.01
C LEU A 309 0.56 -25.65 -23.00
N PRO A 310 -0.15 -26.69 -22.52
CA PRO A 310 -0.58 -27.79 -23.40
C PRO A 310 -1.36 -27.32 -24.63
N ILE A 311 -2.06 -26.20 -24.51
CA ILE A 311 -2.88 -25.68 -25.60
C ILE A 311 -2.11 -24.78 -26.56
N MET A 312 -0.82 -24.58 -26.29
CA MET A 312 -0.05 -23.64 -27.10
C MET A 312 0.62 -24.28 -28.32
N ASP A 313 0.87 -23.46 -29.34
CA ASP A 313 1.52 -23.97 -30.56
C ASP A 313 3.03 -24.02 -30.44
N LYS A 314 3.69 -24.30 -31.56
CA LYS A 314 5.15 -24.40 -31.60
C LYS A 314 5.82 -23.08 -31.22
N ASN A 315 5.06 -22.00 -31.32
CA ASN A 315 5.57 -20.66 -31.03
C ASN A 315 5.22 -20.19 -29.62
N ASN A 316 4.86 -21.13 -28.75
CA ASN A 316 4.47 -20.82 -27.37
C ASN A 316 3.35 -19.79 -27.28
N SER A 317 2.37 -19.91 -28.16
CA SER A 317 1.27 -18.97 -28.19
C SER A 317 -0.07 -19.67 -28.38
N CYS A 318 -1.12 -19.04 -27.90
CA CYS A 318 -2.47 -19.53 -28.12
C CYS A 318 -3.43 -18.35 -28.19
N SER A 319 -4.61 -18.59 -28.72
CA SER A 319 -5.63 -17.55 -28.72
C SER A 319 -6.10 -17.31 -27.29
N LEU A 320 -6.56 -16.09 -27.04
CA LEU A 320 -7.19 -15.77 -25.77
C LEU A 320 -8.45 -16.61 -25.58
N ASP A 321 -9.17 -16.87 -26.67
CA ASP A 321 -10.32 -17.77 -26.61
C ASP A 321 -9.93 -19.15 -26.09
N ALA A 322 -8.83 -19.68 -26.61
CA ALA A 322 -8.34 -21.00 -26.20
C ALA A 322 -7.92 -21.02 -24.73
N LEU A 323 -7.33 -19.91 -24.27
CA LEU A 323 -6.92 -19.82 -22.87
C LEU A 323 -8.13 -19.76 -21.95
N ASN A 324 -9.16 -19.04 -22.36
CA ASN A 324 -10.40 -19.01 -21.61
C ASN A 324 -11.03 -20.40 -21.51
N LYS A 325 -11.06 -21.11 -22.62
CA LYS A 325 -11.63 -22.45 -22.64
C LYS A 325 -10.81 -23.40 -21.77
N TYR A 326 -9.49 -23.24 -21.82
CA TYR A 326 -8.57 -24.03 -21.01
C TYR A 326 -8.79 -23.79 -19.52
N MET A 327 -8.92 -22.52 -19.14
CA MET A 327 -9.17 -22.19 -17.74
C MET A 327 -10.55 -22.65 -17.31
N GLN A 328 -11.54 -22.50 -18.20
CA GLN A 328 -12.90 -22.93 -17.89
C GLN A 328 -12.92 -24.42 -17.53
N SER A 329 -12.14 -25.22 -18.23
CA SER A 329 -12.15 -26.66 -18.02
C SER A 329 -11.45 -27.02 -16.71
N ILE A 330 -10.44 -26.25 -16.35
CA ILE A 330 -9.74 -26.43 -15.08
C ILE A 330 -10.71 -26.13 -13.92
N ASN A 331 -11.46 -25.03 -14.06
CA ASN A 331 -12.49 -24.67 -13.10
C ASN A 331 -13.52 -25.78 -12.89
N GLU A 332 -14.00 -26.32 -14.01
CA GLU A 332 -14.95 -27.43 -13.97
C GLU A 332 -14.33 -28.66 -13.30
N LYS A 333 -13.04 -28.88 -13.54
CA LYS A 333 -12.34 -30.03 -12.98
C LYS A 333 -12.23 -29.96 -11.47
N PHE A 334 -12.01 -28.74 -10.96
CA PHE A 334 -11.90 -28.52 -9.52
C PHE A 334 -12.96 -27.53 -9.04
N SER B 6 11.99 16.17 29.89
CA SER B 6 10.98 15.33 29.25
C SER B 6 11.25 15.18 27.74
N LYS B 7 11.33 13.94 27.28
CA LYS B 7 11.70 13.65 25.91
C LYS B 7 10.55 13.06 25.10
N LEU B 8 10.44 13.47 23.84
CA LEU B 8 9.45 12.91 22.93
C LEU B 8 9.78 11.43 22.65
N ILE B 9 8.81 10.55 22.88
CA ILE B 9 9.06 9.11 22.67
C ILE B 9 8.17 8.47 21.61
N PHE B 10 7.12 9.16 21.20
CA PHE B 10 6.19 8.60 20.21
C PHE B 10 5.30 9.68 19.60
N VAL B 11 4.96 9.52 18.33
CA VAL B 11 3.97 10.40 17.69
C VAL B 11 2.99 9.56 16.89
N SER B 12 1.71 9.89 16.99
CA SER B 12 0.74 9.39 16.01
C SER B 12 0.23 10.55 15.14
N MET B 13 0.20 10.32 13.83
CA MET B 13 -0.08 11.39 12.87
C MET B 13 -1.20 11.02 11.89
N ILE B 14 -2.04 12.00 11.55
CA ILE B 14 -2.96 11.89 10.43
C ILE B 14 -2.61 12.98 9.43
N THR B 15 -2.64 12.65 8.14
CA THR B 15 -2.60 13.70 7.12
C THR B 15 -3.87 13.67 6.26
N ARG B 16 -4.25 14.84 5.75
CA ARG B 16 -5.11 14.84 4.56
C ARG B 16 -4.19 14.74 3.35
N ASN B 17 -4.67 14.08 2.29
CA ASN B 17 -3.92 14.03 1.03
C ASN B 17 -3.62 15.42 0.44
N GLY B 18 -2.71 15.46 -0.52
CA GLY B 18 -2.36 16.71 -1.19
C GLY B 18 -3.37 17.07 -2.26
N ASP B 19 -3.08 18.14 -2.97
CA ASP B 19 -3.89 18.61 -4.10
C ASP B 19 -4.25 17.48 -5.06
N ARG B 20 -5.53 17.41 -5.43
CA ARG B 20 -6.00 16.37 -6.34
C ARG B 20 -6.91 17.01 -7.39
N ALA B 21 -7.20 16.27 -8.45
CA ALA B 21 -8.25 16.67 -9.38
C ALA B 21 -9.60 16.55 -8.63
N PRO B 22 -10.67 17.15 -9.16
CA PRO B 22 -11.96 16.98 -8.48
C PRO B 22 -12.52 15.57 -8.67
N PHE B 23 -13.64 15.28 -8.03
CA PHE B 23 -14.32 13.99 -8.24
C PHE B 23 -15.28 14.02 -9.41
N ALA B 24 -15.74 15.23 -9.76
CA ALA B 24 -16.74 15.39 -10.80
C ALA B 24 -16.52 16.69 -11.55
N ASN B 25 -17.34 16.93 -12.57
CA ASN B 25 -17.17 18.12 -13.39
C ASN B 25 -18.26 19.17 -13.14
N ILE B 26 -17.91 20.43 -13.41
CA ILE B 26 -18.92 21.46 -13.57
C ILE B 26 -19.43 21.36 -15.00
N GLU B 27 -20.74 21.22 -15.15
CA GLU B 27 -21.33 20.90 -16.45
C GLU B 27 -21.09 21.97 -17.49
N ASN B 28 -21.12 23.24 -17.07
CA ASN B 28 -21.01 24.33 -18.04
C ASN B 28 -19.60 24.88 -18.23
N ALA B 29 -18.61 24.15 -17.73
CA ALA B 29 -17.22 24.52 -17.93
C ALA B 29 -16.47 23.39 -18.62
N ASN B 30 -15.42 23.74 -19.34
CA ASN B 30 -14.57 22.75 -19.97
C ASN B 30 -13.18 22.77 -19.36
N TYR B 31 -13.07 22.36 -18.10
CA TYR B 31 -11.78 22.35 -17.42
C TYR B 31 -10.94 21.12 -17.82
N SER B 32 -9.63 21.33 -17.94
CA SER B 32 -8.71 20.24 -18.22
C SER B 32 -7.67 20.18 -17.12
N TRP B 33 -7.65 19.07 -16.37
CA TRP B 33 -6.85 18.95 -15.16
C TRP B 33 -5.42 18.41 -15.30
N GLY B 34 -5.13 17.71 -16.40
CA GLY B 34 -3.81 17.10 -16.56
C GLY B 34 -3.59 15.86 -15.70
N THR B 35 -4.64 15.47 -14.98
CA THR B 35 -4.62 14.36 -14.05
C THR B 35 -6.03 13.75 -14.07
N GLU B 36 -6.17 12.44 -13.85
CA GLU B 36 -7.51 11.84 -13.83
C GLU B 36 -8.29 12.30 -12.61
N LEU B 37 -9.61 12.29 -12.70
CA LEU B 37 -10.45 12.65 -11.54
C LEU B 37 -10.07 11.87 -10.28
N SER B 38 -10.03 12.59 -9.16
CA SER B 38 -9.71 12.04 -7.84
C SER B 38 -8.22 11.75 -7.60
N GLU B 39 -7.37 11.83 -8.63
CA GLU B 39 -5.97 11.46 -8.46
C GLU B 39 -5.12 12.62 -7.93
N LEU B 40 -4.07 12.30 -7.16
CA LEU B 40 -3.14 13.33 -6.70
C LEU B 40 -2.38 13.96 -7.87
N THR B 41 -2.29 15.28 -7.87
CA THR B 41 -1.58 16.02 -8.91
C THR B 41 -0.10 16.16 -8.54
N PRO B 42 0.74 16.57 -9.50
CA PRO B 42 2.14 16.89 -9.18
C PRO B 42 2.23 17.93 -8.06
N ILE B 43 1.35 18.92 -8.07
CA ILE B 43 1.29 19.88 -6.96
C ILE B 43 1.05 19.18 -5.62
N GLY B 44 0.15 18.19 -5.62
CA GLY B 44 -0.18 17.47 -4.40
C GLY B 44 0.98 16.61 -3.92
N MET B 45 1.71 16.02 -4.86
CA MET B 45 2.91 15.24 -4.53
C MET B 45 3.92 16.18 -3.87
N ASN B 46 4.06 17.36 -4.44
CA ASN B 46 5.00 18.35 -3.91
C ASN B 46 4.64 18.83 -2.51
N GLN B 47 3.35 19.04 -2.28
CA GLN B 47 2.88 19.50 -0.96
C GLN B 47 3.20 18.47 0.10
N GLU B 48 2.95 17.20 -0.22
CA GLU B 48 3.20 16.15 0.75
C GLU B 48 4.70 15.92 0.94
N TYR B 49 5.46 16.01 -0.14
CA TYR B 49 6.91 15.89 -0.05
C TYR B 49 7.49 16.98 0.84
N ASN B 50 7.03 18.21 0.64
CA ASN B 50 7.48 19.30 1.50
C ASN B 50 7.06 19.14 2.95
N LEU B 51 5.86 18.61 3.18
CA LEU B 51 5.42 18.30 4.54
C LEU B 51 6.38 17.27 5.16
N GLY B 52 6.74 16.24 4.40
CA GLY B 52 7.75 15.29 4.85
C GLY B 52 9.07 15.94 5.26
N LEU B 53 9.57 16.86 4.45
CA LEU B 53 10.81 17.56 4.77
C LEU B 53 10.67 18.32 6.09
N GLN B 54 9.52 18.95 6.28
CA GLN B 54 9.26 19.71 7.51
C GLN B 54 9.19 18.79 8.73
N LEU B 55 8.58 17.62 8.54
CA LEU B 55 8.49 16.63 9.60
C LEU B 55 9.87 16.06 9.95
N ARG B 56 10.76 16.00 8.97
CA ARG B 56 12.14 15.58 9.24
C ARG B 56 12.81 16.64 10.12
N LYS B 57 12.63 17.91 9.77
CA LYS B 57 13.27 18.95 10.55
C LYS B 57 12.74 18.97 11.98
N ARG B 58 11.47 18.59 12.15
CA ARG B 58 10.86 18.58 13.46
C ARG B 58 11.21 17.31 14.25
N TYR B 59 10.83 16.15 13.72
CA TYR B 59 10.91 14.92 14.51
C TYR B 59 12.24 14.18 14.43
N ILE B 60 13.04 14.51 13.43
CA ILE B 60 14.39 13.97 13.35
C ILE B 60 15.39 15.00 13.87
N ASP B 61 15.46 16.17 13.22
CA ASP B 61 16.46 17.15 13.63
C ASP B 61 16.25 17.80 15.01
N LYS B 62 15.05 18.30 15.26
CA LYS B 62 14.78 19.07 16.47
C LYS B 62 14.59 18.20 17.71
N PHE B 63 13.66 17.25 17.63
CA PHE B 63 13.35 16.36 18.76
C PHE B 63 14.21 15.10 18.82
N GLY B 64 14.78 14.68 17.70
CA GLY B 64 15.57 13.47 17.67
C GLY B 64 14.78 12.21 18.00
N LEU B 65 13.46 12.24 17.79
CA LEU B 65 12.66 11.04 18.03
C LEU B 65 13.05 9.93 17.07
N LEU B 66 13.18 10.30 15.80
CA LEU B 66 13.53 9.40 14.72
C LEU B 66 14.96 9.63 14.24
N PRO B 67 15.62 8.57 13.75
CA PRO B 67 17.01 8.67 13.26
C PRO B 67 17.04 9.21 11.83
N GLU B 68 18.22 9.60 11.35
CA GLU B 68 18.36 10.16 10.01
C GLU B 68 18.17 9.13 8.91
N HIS B 69 18.46 7.87 9.24
CA HIS B 69 18.30 6.77 8.29
C HIS B 69 17.20 5.84 8.78
N TYR B 70 16.30 5.46 7.89
CA TYR B 70 15.10 4.73 8.30
C TYR B 70 15.38 3.39 8.97
N VAL B 71 14.76 3.18 10.13
CA VAL B 71 14.88 1.91 10.85
C VAL B 71 13.65 1.05 10.52
N ASP B 72 13.87 -0.15 9.99
CA ASP B 72 12.73 -1.01 9.65
C ASP B 72 11.86 -1.31 10.88
N GLN B 73 10.54 -1.23 10.67
CA GLN B 73 9.51 -1.42 11.70
C GLN B 73 9.45 -0.29 12.73
N SER B 74 10.07 0.86 12.42
CA SER B 74 10.00 2.00 13.32
C SER B 74 8.77 2.87 13.08
N ILE B 75 8.24 2.84 11.85
CA ILE B 75 7.04 3.59 11.54
C ILE B 75 5.97 2.68 10.94
N TYR B 76 4.77 2.72 11.51
CA TYR B 76 3.64 2.01 10.92
C TYR B 76 2.81 2.98 10.09
N VAL B 77 2.69 2.71 8.78
CA VAL B 77 1.91 3.59 7.90
C VAL B 77 0.69 2.85 7.38
N LEU B 78 -0.50 3.41 7.61
CA LEU B 78 -1.74 2.80 7.16
C LEU B 78 -2.56 3.85 6.40
N SER B 79 -2.95 3.50 5.18
CA SER B 79 -3.66 4.43 4.30
C SER B 79 -5.08 3.95 4.01
N SER B 80 -5.99 4.88 3.73
CA SER B 80 -7.28 4.47 3.19
C SER B 80 -7.04 3.86 1.80
N HIS B 81 -8.06 3.22 1.27
CA HIS B 81 -7.93 2.47 0.02
C HIS B 81 -8.20 3.38 -1.17
N THR B 82 -7.39 4.41 -1.31
CA THR B 82 -7.46 5.31 -2.48
C THR B 82 -6.06 5.54 -3.02
N ASN B 83 -5.96 5.81 -4.32
CA ASN B 83 -4.65 6.09 -4.89
C ASN B 83 -4.04 7.34 -4.25
N ARG B 84 -4.83 8.40 -4.11
CA ARG B 84 -4.30 9.66 -3.61
C ARG B 84 -3.73 9.60 -2.20
N THR B 85 -4.34 8.80 -1.32
CA THR B 85 -3.80 8.69 0.04
C THR B 85 -2.54 7.82 0.09
N VAL B 86 -2.45 6.80 -0.76
CA VAL B 86 -1.19 6.03 -0.82
C VAL B 86 -0.08 6.89 -1.40
N VAL B 87 -0.36 7.53 -2.54
CA VAL B 87 0.65 8.37 -3.17
C VAL B 87 1.02 9.56 -2.27
N SER B 88 0.06 10.09 -1.51
CA SER B 88 0.39 11.18 -0.58
C SER B 88 1.36 10.68 0.51
N ALA B 89 1.09 9.50 1.05
CA ALA B 89 1.97 8.92 2.06
C ALA B 89 3.36 8.66 1.48
N GLN B 90 3.42 8.09 0.28
CA GLN B 90 4.71 7.85 -0.38
C GLN B 90 5.49 9.15 -0.55
N SER B 91 4.81 10.19 -1.03
CA SER B 91 5.44 11.48 -1.30
C SER B 91 5.95 12.09 0.00
N LEU B 92 5.13 12.03 1.06
CA LEU B 92 5.55 12.52 2.37
C LEU B 92 6.81 11.80 2.84
N LEU B 93 6.82 10.49 2.68
CA LEU B 93 7.94 9.68 3.17
C LEU B 93 9.20 9.94 2.37
N MET B 94 9.06 10.42 1.14
CA MET B 94 10.17 10.86 0.31
CA MET B 94 10.23 10.81 0.38
C MET B 94 10.80 12.13 0.88
N GLY B 95 10.04 12.83 1.72
CA GLY B 95 10.57 14.02 2.39
C GLY B 95 11.11 13.66 3.75
N LEU B 96 10.41 12.77 4.44
CA LEU B 96 10.81 12.40 5.80
C LEU B 96 12.14 11.64 5.76
N TYR B 97 12.27 10.75 4.77
CA TYR B 97 13.50 9.98 4.58
C TYR B 97 13.90 10.11 3.13
N PRO B 98 14.59 11.21 2.81
CA PRO B 98 14.84 11.62 1.43
C PRO B 98 15.95 10.83 0.73
N ALA B 99 15.98 10.99 -0.59
CA ALA B 99 17.08 10.48 -1.40
C ALA B 99 18.41 10.83 -0.75
N GLY B 100 19.31 9.86 -0.75
CA GLY B 100 20.59 10.03 -0.09
C GLY B 100 20.64 9.33 1.25
N THR B 101 19.48 9.03 1.83
CA THR B 101 19.44 8.39 3.15
C THR B 101 19.13 6.89 3.10
N GLY B 102 18.72 6.40 1.92
CA GLY B 102 18.35 5.00 1.76
C GLY B 102 19.52 4.05 1.87
N PRO B 103 19.22 2.73 1.90
CA PRO B 103 20.20 1.70 2.26
C PRO B 103 21.30 1.49 1.24
N LEU B 104 22.41 0.97 1.72
CA LEU B 104 23.55 0.61 0.88
C LEU B 104 23.72 -0.91 0.80
N ILE B 105 24.35 -1.37 -0.28
CA ILE B 105 24.75 -2.76 -0.43
C ILE B 105 26.25 -2.74 -0.75
N GLY B 106 26.87 -3.91 -0.73
CA GLY B 106 28.27 -4.03 -1.11
C GLY B 106 29.19 -3.09 -0.36
N ASP B 107 29.99 -2.33 -1.11
CA ASP B 107 30.92 -1.37 -0.54
C ASP B 107 30.37 0.05 -0.69
N GLY B 108 29.32 0.34 0.08
CA GLY B 108 28.71 1.65 0.05
C GLY B 108 28.05 2.00 -1.27
N ASP B 109 27.63 0.98 -2.01
CA ASP B 109 26.85 1.18 -3.23
C ASP B 109 25.37 1.20 -2.91
N PRO B 110 24.62 2.12 -3.52
CA PRO B 110 23.20 2.30 -3.17
C PRO B 110 22.34 1.12 -3.57
N ALA B 111 21.40 0.73 -2.71
CA ALA B 111 20.54 -0.40 -2.99
C ALA B 111 19.63 -0.01 -4.15
N ILE B 112 19.22 1.25 -4.15
CA ILE B 112 18.45 1.83 -5.25
C ILE B 112 19.13 3.14 -5.65
N LYS B 113 19.14 3.44 -6.95
CA LYS B 113 19.78 4.66 -7.43
C LYS B 113 19.30 5.87 -6.63
N ASP B 114 20.24 6.78 -6.35
CA ASP B 114 19.98 7.98 -5.56
C ASP B 114 19.67 7.69 -4.08
N ARG B 115 19.92 6.45 -3.66
CA ARG B 115 19.66 6.05 -2.28
C ARG B 115 18.24 6.38 -1.83
N PHE B 116 17.26 6.03 -2.66
CA PHE B 116 15.86 6.11 -2.24
C PHE B 116 15.64 5.17 -1.05
N GLN B 117 14.70 5.54 -0.19
CA GLN B 117 14.33 4.71 0.95
C GLN B 117 12.90 4.19 0.85
N PRO B 118 12.74 2.91 0.50
CA PRO B 118 11.36 2.38 0.54
C PRO B 118 10.88 2.24 1.98
N ILE B 119 9.64 2.63 2.23
CA ILE B 119 9.02 2.46 3.55
C ILE B 119 7.62 1.90 3.32
N PRO B 120 7.33 0.72 3.92
CA PRO B 120 6.07 0.07 3.55
C PRO B 120 4.83 0.85 4.00
N ILE B 121 3.84 0.84 3.12
CA ILE B 121 2.53 1.42 3.37
C ILE B 121 1.49 0.33 3.20
N MET B 122 0.70 0.06 4.23
CA MET B 122 -0.42 -0.87 4.09
C MET B 122 -1.66 -0.05 3.76
N THR B 123 -2.62 -0.68 3.09
CA THR B 123 -3.93 -0.04 2.89
C THR B 123 -5.01 -0.81 3.60
N LEU B 124 -5.97 -0.09 4.15
CA LEU B 124 -7.22 -0.70 4.58
C LEU B 124 -7.96 -1.23 3.36
N SER B 125 -8.95 -2.08 3.59
CA SER B 125 -9.87 -2.47 2.53
C SER B 125 -10.79 -1.31 2.18
N ALA B 126 -11.39 -1.37 1.00
CA ALA B 126 -12.28 -0.31 0.57
C ALA B 126 -13.49 -0.15 1.49
N ASP B 127 -13.91 -1.23 2.14
CA ASP B 127 -15.10 -1.17 2.99
C ASP B 127 -14.81 -0.82 4.45
N SER B 128 -13.55 -0.56 4.76
CA SER B 128 -13.16 -0.18 6.12
C SER B 128 -13.74 1.18 6.49
N ARG B 129 -14.19 1.33 7.73
CA ARG B 129 -14.71 2.62 8.21
C ARG B 129 -13.68 3.40 9.03
N LEU B 130 -12.47 2.89 9.13
CA LEU B 130 -11.49 3.49 10.02
C LEU B 130 -11.03 4.90 9.62
N ILE B 131 -10.58 5.05 8.37
CA ILE B 131 -9.96 6.30 7.91
C ILE B 131 -10.89 7.08 6.99
N GLN B 132 -11.55 6.34 6.10
CA GLN B 132 -12.53 6.94 5.19
C GLN B 132 -13.88 6.27 5.37
N PHE B 133 -14.82 6.97 5.99
CA PHE B 133 -16.17 6.42 6.16
C PHE B 133 -16.78 6.24 4.77
N PRO B 134 -17.29 5.04 4.47
CA PRO B 134 -17.93 4.75 3.18
C PRO B 134 -18.93 5.85 2.81
N TYR B 135 -18.85 6.33 1.58
CA TYR B 135 -19.56 7.53 1.15
C TYR B 135 -21.07 7.49 1.36
N GLU B 136 -21.71 6.38 1.01
CA GLU B 136 -23.15 6.27 1.15
C GLU B 136 -23.55 6.30 2.62
N GLN B 137 -22.75 5.65 3.46
CA GLN B 137 -23.00 5.64 4.90
C GLN B 137 -22.80 7.03 5.51
N TYR B 138 -21.80 7.73 5.00
CA TYR B 138 -21.53 9.12 5.37
C TYR B 138 -22.71 10.01 5.04
N LEU B 139 -23.20 9.91 3.80
CA LEU B 139 -24.34 10.71 3.40
C LEU B 139 -25.57 10.38 4.25
N ALA B 140 -25.75 9.10 4.58
CA ALA B 140 -26.83 8.68 5.47
C ALA B 140 -26.72 9.34 6.85
N VAL B 141 -25.48 9.45 7.35
CA VAL B 141 -25.24 10.11 8.63
C VAL B 141 -25.62 11.59 8.55
N LEU B 142 -25.22 12.25 7.46
CA LEU B 142 -25.58 13.65 7.25
C LEU B 142 -27.09 13.84 7.17
N LYS B 143 -27.76 13.03 6.36
CA LYS B 143 -29.20 13.15 6.18
C LYS B 143 -29.95 13.02 7.50
N LYS B 144 -29.47 12.13 8.35
CA LYS B 144 -30.14 11.85 9.61
C LYS B 144 -29.83 12.87 10.71
N TYR B 145 -28.56 13.27 10.81
CA TYR B 145 -28.11 14.07 11.95
C TYR B 145 -27.77 15.52 11.63
N VAL B 146 -27.47 15.81 10.37
CA VAL B 146 -26.92 17.12 10.01
C VAL B 146 -27.90 18.02 9.23
N TYR B 147 -28.49 17.49 8.17
CA TYR B 147 -29.24 18.34 7.24
C TYR B 147 -30.46 19.04 7.87
N ASN B 148 -30.99 18.48 8.96
CA ASN B 148 -32.16 19.07 9.61
C ASN B 148 -31.84 19.81 10.93
N SER B 149 -30.56 19.85 11.29
CA SER B 149 -30.11 20.61 12.46
C SER B 149 -30.45 22.08 12.25
N PRO B 150 -30.66 22.81 13.35
CA PRO B 150 -31.04 24.22 13.26
C PRO B 150 -30.05 25.02 12.43
N GLU B 151 -28.76 24.79 12.66
CA GLU B 151 -27.71 25.52 11.98
C GLU B 151 -27.74 25.27 10.48
N TRP B 152 -27.99 24.02 10.08
CA TRP B 152 -28.01 23.69 8.66
C TRP B 152 -29.24 24.28 7.98
N GLN B 153 -30.39 24.22 8.65
CA GLN B 153 -31.60 24.80 8.09
C GLN B 153 -31.52 26.32 7.98
N ASN B 154 -30.92 26.96 8.98
CA ASN B 154 -30.77 28.41 8.97
C ASN B 154 -29.87 28.88 7.84
N LYS B 155 -28.76 28.17 7.65
CA LYS B 155 -27.84 28.53 6.59
C LYS B 155 -28.46 28.24 5.23
N THR B 156 -29.22 27.15 5.15
CA THR B 156 -29.94 26.83 3.92
C THR B 156 -30.86 27.98 3.52
N LYS B 157 -31.67 28.45 4.47
CA LYS B 157 -32.58 29.56 4.18
C LYS B 157 -31.82 30.81 3.72
N GLU B 158 -30.65 31.05 4.30
CA GLU B 158 -29.86 32.23 3.94
C GLU B 158 -29.30 32.11 2.53
N ALA B 159 -28.87 30.90 2.16
CA ALA B 159 -28.19 30.68 0.88
C ALA B 159 -29.17 30.38 -0.25
N ALA B 160 -30.34 29.88 0.12
CA ALA B 160 -31.37 29.45 -0.83
C ALA B 160 -31.73 30.40 -2.00
N PRO B 161 -31.76 31.72 -1.76
CA PRO B 161 -32.13 32.62 -2.87
C PRO B 161 -31.13 32.62 -4.04
N ASN B 162 -29.97 32.00 -3.84
CA ASN B 162 -28.93 31.96 -4.87
C ASN B 162 -28.90 30.67 -5.68
N PHE B 163 -29.67 29.66 -5.25
CA PHE B 163 -29.61 28.34 -5.86
C PHE B 163 -29.99 28.34 -7.35
N ALA B 164 -31.09 29.02 -7.69
CA ALA B 164 -31.57 29.04 -9.06
C ALA B 164 -30.51 29.60 -10.00
N LYS B 165 -29.92 30.71 -9.58
CA LYS B 165 -28.90 31.41 -10.37
C LYS B 165 -27.68 30.52 -10.54
N TRP B 166 -27.20 29.97 -9.42
CA TRP B 166 -26.03 29.12 -9.45
C TRP B 166 -26.24 27.89 -10.33
N GLN B 167 -27.45 27.32 -10.30
CA GLN B 167 -27.73 26.13 -11.10
C GLN B 167 -27.71 26.47 -12.59
N GLN B 168 -28.28 27.61 -12.93
CA GLN B 168 -28.35 27.99 -14.34
C GLN B 168 -26.96 28.32 -14.89
N ILE B 169 -26.10 28.92 -14.06
CA ILE B 169 -24.74 29.23 -14.48
C ILE B 169 -23.85 28.00 -14.62
N LEU B 170 -23.88 27.13 -13.61
CA LEU B 170 -22.97 25.98 -13.54
C LEU B 170 -23.51 24.76 -14.27
N GLY B 171 -24.84 24.65 -14.35
CA GLY B 171 -25.50 23.53 -14.99
C GLY B 171 -25.84 22.39 -14.03
N ASN B 172 -24.91 22.09 -13.14
CA ASN B 172 -25.11 21.11 -12.08
C ASN B 172 -26.34 21.45 -11.25
N ARG B 173 -27.07 20.42 -10.80
CA ARG B 173 -28.20 20.65 -9.92
C ARG B 173 -27.78 21.32 -8.63
N ILE B 174 -28.51 22.35 -8.22
CA ILE B 174 -28.26 23.03 -6.95
C ILE B 174 -29.60 23.27 -6.28
N SER B 175 -29.91 22.47 -5.26
CA SER B 175 -31.19 22.62 -4.57
C SER B 175 -31.04 22.55 -3.05
N GLY B 176 -29.80 22.57 -2.57
CA GLY B 176 -29.52 22.55 -1.15
C GLY B 176 -28.04 22.74 -0.90
N LEU B 177 -27.67 22.92 0.36
CA LEU B 177 -26.27 23.11 0.73
C LEU B 177 -25.39 21.94 0.29
N ASN B 178 -25.96 20.75 0.30
CA ASN B 178 -25.23 19.57 -0.14
C ASN B 178 -24.74 19.73 -1.57
N ASP B 179 -25.58 20.27 -2.44
CA ASP B 179 -25.21 20.50 -3.83
C ASP B 179 -24.19 21.63 -3.98
N VAL B 180 -24.29 22.63 -3.10
CA VAL B 180 -23.32 23.72 -3.07
C VAL B 180 -21.92 23.17 -2.76
N ILE B 181 -21.84 22.32 -1.75
CA ILE B 181 -20.59 21.67 -1.40
C ILE B 181 -20.02 20.85 -2.55
N THR B 182 -20.90 20.17 -3.28
CA THR B 182 -20.50 19.38 -4.44
C THR B 182 -19.78 20.22 -5.50
N VAL B 183 -20.38 21.31 -5.93
CA VAL B 183 -19.75 22.16 -6.94
C VAL B 183 -18.64 23.00 -6.34
N GLY B 184 -18.75 23.32 -5.06
CA GLY B 184 -17.73 24.07 -4.36
C GLY B 184 -16.35 23.41 -4.40
N ASP B 185 -16.31 22.08 -4.29
CA ASP B 185 -15.03 21.39 -4.38
C ASP B 185 -14.39 21.59 -5.75
N VAL B 186 -15.20 21.60 -6.79
CA VAL B 186 -14.65 21.79 -8.14
C VAL B 186 -14.08 23.19 -8.25
N LEU B 187 -14.77 24.17 -7.69
CA LEU B 187 -14.28 25.55 -7.75
C LEU B 187 -13.00 25.71 -6.95
N ILE B 188 -12.88 24.96 -5.86
CA ILE B 188 -11.66 24.96 -5.05
C ILE B 188 -10.48 24.42 -5.87
N VAL B 189 -10.70 23.31 -6.58
CA VAL B 189 -9.67 22.75 -7.45
C VAL B 189 -9.31 23.72 -8.58
N ALA B 190 -10.32 24.29 -9.23
CA ALA B 190 -10.09 25.29 -10.28
C ALA B 190 -9.21 26.44 -9.78
N GLN B 191 -9.56 27.01 -8.62
CA GLN B 191 -8.79 28.10 -8.08
C GLN B 191 -7.35 27.68 -7.76
N ALA B 192 -7.21 26.48 -7.22
CA ALA B 192 -5.90 25.97 -6.83
C ALA B 192 -5.00 25.78 -8.05
N HIS B 193 -5.62 25.53 -9.20
CA HIS B 193 -4.90 25.37 -10.46
C HIS B 193 -4.89 26.59 -11.40
N GLY B 194 -5.35 27.72 -10.87
CA GLY B 194 -5.34 28.96 -11.63
C GLY B 194 -6.21 28.99 -12.86
N LYS B 195 -7.29 28.21 -12.84
CA LYS B 195 -8.22 28.19 -13.97
C LYS B 195 -9.11 29.43 -13.93
N PRO B 196 -9.59 29.86 -15.10
CA PRO B 196 -10.56 30.96 -15.10
C PRO B 196 -11.89 30.50 -14.53
N LEU B 197 -12.70 31.46 -14.11
CA LEU B 197 -14.03 31.18 -13.59
C LEU B 197 -14.93 30.67 -14.71
N PRO B 198 -15.93 29.88 -14.35
CA PRO B 198 -16.95 29.49 -15.36
C PRO B 198 -17.62 30.75 -15.89
N LYS B 199 -18.03 30.74 -17.15
CA LYS B 199 -18.66 31.91 -17.72
C LYS B 199 -19.91 32.27 -16.91
N GLY B 200 -20.02 33.53 -16.52
CA GLY B 200 -21.20 34.01 -15.80
C GLY B 200 -21.11 33.86 -14.29
N LEU B 201 -20.06 33.21 -13.81
CA LEU B 201 -19.86 33.09 -12.37
C LEU B 201 -18.85 34.14 -11.93
N SER B 202 -19.33 35.18 -11.25
CA SER B 202 -18.46 36.25 -10.79
C SER B 202 -17.53 35.74 -9.71
N GLN B 203 -16.48 36.50 -9.44
CA GLN B 203 -15.55 36.11 -8.37
C GLN B 203 -16.29 36.11 -7.04
N GLU B 204 -17.16 37.10 -6.89
CA GLU B 204 -18.03 37.22 -5.71
C GLU B 204 -18.86 35.97 -5.47
N ASP B 205 -19.52 35.50 -6.52
CA ASP B 205 -20.29 34.26 -6.43
C ASP B 205 -19.42 33.04 -6.14
N ALA B 206 -18.27 32.92 -6.82
CA ALA B 206 -17.39 31.79 -6.56
C ALA B 206 -16.94 31.84 -5.11
N ASP B 207 -16.58 33.04 -4.63
CA ASP B 207 -16.17 33.20 -3.24
C ASP B 207 -17.27 32.72 -2.26
N GLN B 208 -18.51 33.09 -2.54
CA GLN B 208 -19.65 32.68 -1.72
C GLN B 208 -19.83 31.17 -1.69
N ILE B 209 -19.74 30.53 -2.86
CA ILE B 209 -19.92 29.08 -2.95
C ILE B 209 -18.81 28.36 -2.17
N ILE B 210 -17.58 28.82 -2.36
CA ILE B 210 -16.43 28.23 -1.67
C ILE B 210 -16.53 28.42 -0.15
N ALA B 211 -16.96 29.61 0.27
CA ALA B 211 -17.13 29.88 1.70
C ALA B 211 -18.22 28.97 2.30
N LEU B 212 -19.28 28.72 1.54
CA LEU B 212 -20.33 27.83 2.01
C LEU B 212 -19.83 26.41 2.10
N THR B 213 -18.97 26.03 1.16
CA THR B 213 -18.41 24.70 1.15
C THR B 213 -17.56 24.48 2.40
N ASP B 214 -16.68 25.45 2.68
CA ASP B 214 -15.84 25.41 3.88
C ASP B 214 -16.69 25.33 5.15
N TRP B 215 -17.67 26.22 5.24
CA TRP B 215 -18.59 26.27 6.39
C TRP B 215 -19.32 24.94 6.58
N GLY B 216 -19.84 24.39 5.49
CA GLY B 216 -20.62 23.17 5.55
C GLY B 216 -19.85 21.97 6.03
N LEU B 217 -18.64 21.81 5.50
CA LEU B 217 -17.79 20.69 5.90
C LEU B 217 -17.45 20.79 7.38
N ALA B 218 -17.09 21.99 7.84
CA ALA B 218 -16.76 22.15 9.26
C ALA B 218 -18.00 21.97 10.14
N GLN B 219 -19.15 22.47 9.67
CA GLN B 219 -20.37 22.41 10.46
C GLN B 219 -20.76 20.99 10.83
N GLN B 220 -20.51 20.06 9.92
CA GLN B 220 -20.88 18.65 10.11
C GLN B 220 -20.30 18.10 11.39
N PHE B 221 -19.11 18.56 11.74
CA PHE B 221 -18.36 17.95 12.83
C PHE B 221 -18.37 18.81 14.08
N LYS B 222 -19.16 19.87 14.04
CA LYS B 222 -19.46 20.65 15.24
C LYS B 222 -20.33 19.82 16.17
N SER B 223 -20.94 18.77 15.62
CA SER B 223 -21.63 17.77 16.42
C SER B 223 -20.66 16.67 16.84
N GLN B 224 -20.52 16.48 18.15
CA GLN B 224 -19.60 15.44 18.63
C GLN B 224 -20.16 14.04 18.35
N LYS B 225 -21.48 13.93 18.32
CA LYS B 225 -22.14 12.67 18.03
C LYS B 225 -21.82 12.22 16.60
N VAL B 226 -22.00 13.12 15.64
CA VAL B 226 -21.62 12.84 14.25
C VAL B 226 -20.14 12.51 14.16
N SER B 227 -19.31 13.30 14.85
CA SER B 227 -17.87 13.09 14.81
C SER B 227 -17.52 11.72 15.33
N TYR B 228 -18.18 11.31 16.41
CA TYR B 228 -17.86 10.03 17.02
C TYR B 228 -18.31 8.84 16.17
N ILE B 229 -19.50 8.93 15.57
CA ILE B 229 -19.96 7.87 14.68
C ILE B 229 -18.88 7.54 13.64
N MET B 230 -18.31 8.58 13.04
CA MET B 230 -17.34 8.40 11.96
C MET B 230 -15.88 8.30 12.42
N GLY B 231 -15.55 8.94 13.53
CA GLY B 231 -14.16 9.07 13.93
C GLY B 231 -13.79 8.48 15.27
N GLY B 232 -14.78 7.94 15.99
CA GLY B 232 -14.51 7.34 17.28
C GLY B 232 -13.51 6.19 17.21
N LYS B 233 -13.63 5.38 16.15
CA LYS B 233 -12.74 4.23 15.99
C LYS B 233 -11.28 4.65 15.84
N LEU B 234 -11.03 5.60 14.94
CA LEU B 234 -9.65 6.04 14.71
C LEU B 234 -9.10 6.82 15.91
N THR B 235 -9.95 7.61 16.57
CA THR B 235 -9.49 8.38 17.72
C THR B 235 -9.06 7.43 18.83
N ASN B 236 -9.87 6.41 19.10
CA ASN B 236 -9.52 5.38 20.07
C ASN B 236 -8.22 4.69 19.69
N ARG B 237 -8.08 4.38 18.41
CA ARG B 237 -6.89 3.69 17.93
C ARG B 237 -5.61 4.49 18.12
N MET B 238 -5.67 5.80 17.85
CA MET B 238 -4.50 6.65 18.05
C MET B 238 -4.08 6.71 19.50
N ILE B 239 -5.05 6.83 20.40
CA ILE B 239 -4.75 6.88 21.82
C ILE B 239 -4.19 5.54 22.27
N GLU B 240 -4.73 4.45 21.72
CA GLU B 240 -4.19 3.13 22.02
C GLU B 240 -2.74 2.99 21.54
N ASP B 241 -2.40 3.67 20.44
CA ASP B 241 -1.02 3.66 19.95
C ASP B 241 -0.11 4.27 20.99
N LEU B 242 -0.56 5.39 21.56
CA LEU B 242 0.20 6.07 22.61
C LEU B 242 0.42 5.12 23.78
N ASN B 243 -0.65 4.46 24.20
CA ASN B 243 -0.57 3.49 25.30
C ASN B 243 0.43 2.36 25.01
N ASN B 244 0.41 1.89 23.76
CA ASN B 244 1.32 0.82 23.34
C ASN B 244 2.80 1.22 23.34
N ALA B 245 3.07 2.52 23.33
CA ALA B 245 4.44 3.02 23.38
C ALA B 245 4.96 3.06 24.81
N VAL B 246 4.04 2.91 25.75
CA VAL B 246 4.38 2.93 27.18
C VAL B 246 4.33 1.53 27.78
N ASN B 247 3.32 0.75 27.38
CA ASN B 247 3.07 -0.56 28.02
C ASN B 247 3.90 -1.70 27.43
N GLY B 248 4.75 -1.37 26.46
CA GLY B 248 5.66 -2.33 25.86
C GLY B 248 5.06 -3.18 24.74
N LYS B 249 3.81 -2.92 24.38
CA LYS B 249 3.13 -3.74 23.37
C LYS B 249 3.65 -3.47 21.96
N SER B 250 4.22 -2.30 21.74
CA SER B 250 4.72 -1.95 20.41
C SER B 250 6.05 -1.20 20.45
N LYS B 251 6.86 -1.38 19.40
CA LYS B 251 8.16 -0.73 19.31
C LYS B 251 8.18 0.38 18.25
N TYR B 252 7.02 0.69 17.69
CA TYR B 252 6.92 1.78 16.73
C TYR B 252 7.27 3.10 17.42
N LYS B 253 7.93 3.98 16.68
CA LYS B 253 8.19 5.34 17.12
C LYS B 253 7.08 6.26 16.62
N MET B 254 6.41 5.84 15.56
CA MET B 254 5.35 6.63 14.94
C MET B 254 4.33 5.72 14.29
N THR B 255 3.06 6.05 14.46
CA THR B 255 2.02 5.54 13.58
C THR B 255 1.47 6.69 12.74
N TYR B 256 1.25 6.42 11.46
CA TYR B 256 0.85 7.46 10.51
C TYR B 256 -0.34 6.93 9.72
N TYR B 257 -1.48 7.61 9.87
CA TYR B 257 -2.70 7.27 9.16
C TYR B 257 -2.87 8.26 8.01
N SER B 258 -2.73 7.79 6.78
CA SER B 258 -2.89 8.66 5.60
C SER B 258 -4.37 8.70 5.19
N GLY B 259 -4.96 9.89 5.32
CA GLY B 259 -6.39 10.02 5.14
C GLY B 259 -6.80 11.30 4.43
N HIS B 260 -7.97 11.80 4.80
CA HIS B 260 -8.71 12.80 4.02
C HIS B 260 -9.16 13.96 4.90
N ALA B 261 -9.77 14.98 4.30
CA ALA B 261 -10.33 16.08 5.10
C ALA B 261 -11.24 15.57 6.22
N LEU B 262 -12.11 14.61 5.89
CA LEU B 262 -13.06 14.11 6.89
C LEU B 262 -12.35 13.36 8.03
N THR B 263 -11.23 12.72 7.71
CA THR B 263 -10.47 12.02 8.75
C THR B 263 -10.02 13.01 9.83
N LEU B 264 -9.50 14.16 9.40
CA LEU B 264 -9.07 15.19 10.35
C LEU B 264 -10.26 15.76 11.10
N LEU B 265 -11.30 16.11 10.35
CA LEU B 265 -12.52 16.65 10.92
C LEU B 265 -13.14 15.74 11.98
N GLU B 266 -13.21 14.45 11.69
CA GLU B 266 -13.91 13.53 12.60
C GLU B 266 -13.10 13.27 13.87
N VAL B 267 -11.77 13.27 13.77
CA VAL B 267 -10.97 13.06 14.97
C VAL B 267 -10.98 14.31 15.86
N MET B 268 -10.73 15.47 15.26
CA MET B 268 -10.80 16.72 16.01
C MET B 268 -12.19 16.91 16.62
N GLY B 269 -13.22 16.56 15.85
CA GLY B 269 -14.58 16.65 16.33
C GLY B 269 -14.85 15.69 17.48
N THR B 270 -14.33 14.47 17.38
CA THR B 270 -14.49 13.48 18.44
C THR B 270 -13.84 13.94 19.74
N LEU B 271 -12.68 14.54 19.63
CA LEU B 271 -11.94 15.02 20.80
C LEU B 271 -12.56 16.26 21.45
N GLY B 272 -13.63 16.77 20.85
CA GLY B 272 -14.32 17.92 21.40
C GLY B 272 -13.64 19.23 21.04
N VAL B 273 -12.77 19.20 20.04
CA VAL B 273 -12.13 20.42 19.57
C VAL B 273 -12.35 20.56 18.07
N PRO B 274 -13.62 20.68 17.65
CA PRO B 274 -13.87 20.65 16.21
C PRO B 274 -13.27 21.85 15.48
N LEU B 275 -12.77 21.61 14.27
CA LEU B 275 -12.16 22.65 13.44
C LEU B 275 -13.14 23.74 13.06
N ASP B 276 -12.69 24.99 13.08
CA ASP B 276 -13.50 26.12 12.63
C ASP B 276 -13.65 26.11 11.11
N THR B 277 -12.62 25.62 10.43
CA THR B 277 -12.57 25.65 8.97
C THR B 277 -12.12 24.30 8.39
N ALA B 278 -12.60 23.98 7.18
CA ALA B 278 -12.27 22.70 6.56
C ALA B 278 -10.77 22.61 6.30
N PRO B 279 -10.18 21.43 6.56
CA PRO B 279 -8.73 21.23 6.40
C PRO B 279 -8.30 21.40 4.95
N GLY B 280 -7.28 22.21 4.71
CA GLY B 280 -6.72 22.33 3.37
C GLY B 280 -5.84 21.13 3.00
N TYR B 281 -5.32 21.12 1.78
CA TYR B 281 -4.46 20.02 1.36
C TYR B 281 -3.23 19.87 2.26
N ALA B 282 -2.90 18.61 2.56
CA ALA B 282 -1.74 18.29 3.42
C ALA B 282 -1.85 18.87 4.83
N SER B 283 -3.08 19.11 5.28
CA SER B 283 -3.27 19.42 6.69
C SER B 283 -2.88 18.19 7.46
N ASN B 284 -2.53 18.38 8.73
CA ASN B 284 -2.00 17.27 9.50
C ASN B 284 -2.19 17.47 10.99
N LEU B 285 -2.37 16.37 11.71
CA LEU B 285 -2.43 16.44 13.15
C LEU B 285 -1.50 15.41 13.77
N GLU B 286 -0.89 15.78 14.88
CA GLU B 286 0.00 14.89 15.61
C GLU B 286 -0.37 14.82 17.09
N MET B 287 -0.49 13.60 17.60
CA MET B 287 -0.53 13.35 19.03
C MET B 287 0.89 13.02 19.48
N GLU B 288 1.47 13.88 20.31
CA GLU B 288 2.85 13.70 20.77
C GLU B 288 2.86 13.18 22.18
N LEU B 289 3.64 12.12 22.42
CA LEU B 289 3.80 11.55 23.75
C LEU B 289 5.21 11.80 24.28
N TYR B 290 5.30 12.36 25.50
CA TYR B 290 6.57 12.68 26.12
C TYR B 290 6.77 11.87 27.40
N LYS B 291 8.03 11.59 27.72
CA LYS B 291 8.38 10.83 28.92
C LYS B 291 9.43 11.55 29.77
N ASP B 292 9.12 11.70 31.05
CA ASP B 292 10.09 12.11 32.05
C ASP B 292 9.98 11.11 33.19
N GLY B 293 10.80 10.07 33.15
CA GLY B 293 10.72 8.99 34.12
C GLY B 293 9.37 8.30 34.03
N ASP B 294 8.59 8.42 35.10
CA ASP B 294 7.29 7.75 35.18
C ASP B 294 6.15 8.66 34.75
N ILE B 295 6.47 9.91 34.41
CA ILE B 295 5.44 10.87 34.03
C ILE B 295 5.33 10.95 32.52
N TYR B 296 4.13 10.66 32.01
CA TYR B 296 3.88 10.70 30.57
C TYR B 296 2.92 11.83 30.27
N THR B 297 3.29 12.66 29.29
CA THR B 297 2.47 13.81 28.94
C THR B 297 2.16 13.79 27.44
N VAL B 298 1.02 14.36 27.09
CA VAL B 298 0.58 14.38 25.71
C VAL B 298 0.32 15.81 25.24
N LYS B 299 0.70 16.11 24.00
CA LYS B 299 0.30 17.36 23.36
C LYS B 299 -0.36 17.03 22.03
N LEU B 300 -1.21 17.93 21.57
CA LEU B 300 -1.95 17.74 20.34
C LEU B 300 -1.65 18.90 19.38
N ARG B 301 -1.10 18.58 18.22
CA ARG B 301 -0.69 19.61 17.28
C ARG B 301 -1.53 19.51 16.01
N TYR B 302 -2.02 20.65 15.53
CA TYR B 302 -2.77 20.68 14.27
C TYR B 302 -2.26 21.81 13.40
N ASN B 303 -1.85 21.45 12.18
CA ASN B 303 -1.30 22.40 11.22
C ASN B 303 -0.28 23.36 11.82
N GLY B 304 0.64 22.81 12.62
CA GLY B 304 1.75 23.59 13.14
C GLY B 304 1.50 24.36 14.42
N LYS B 305 0.34 24.15 15.04
CA LYS B 305 0.04 24.82 16.30
C LYS B 305 -0.60 23.86 17.31
N TYR B 306 -0.21 24.00 18.57
CA TYR B 306 -0.79 23.16 19.61
C TYR B 306 -2.25 23.51 19.87
N VAL B 307 -3.03 22.49 20.18
CA VAL B 307 -4.45 22.61 20.45
C VAL B 307 -4.74 22.27 21.91
N LYS B 308 -5.52 23.11 22.58
CA LYS B 308 -5.83 22.87 23.99
C LYS B 308 -7.13 22.09 24.14
N LEU B 309 -7.03 20.83 24.53
CA LEU B 309 -8.19 20.04 24.90
C LEU B 309 -8.69 20.59 26.23
N PRO B 310 -9.99 20.39 26.54
CA PRO B 310 -10.57 20.88 27.80
C PRO B 310 -9.78 20.42 29.03
N ILE B 311 -9.12 19.28 28.92
CA ILE B 311 -8.40 18.69 30.06
C ILE B 311 -6.95 19.14 30.14
N MET B 312 -6.53 19.97 29.20
CA MET B 312 -5.12 20.38 29.16
C MET B 312 -4.84 21.65 29.96
N ASP B 313 -3.60 21.79 30.41
CA ASP B 313 -3.21 22.95 31.21
C ASP B 313 -2.82 24.14 30.33
N LYS B 314 -2.32 25.20 30.96
CA LYS B 314 -1.95 26.42 30.26
C LYS B 314 -0.88 26.17 29.20
N ASN B 315 -0.16 25.06 29.35
CA ASN B 315 0.91 24.71 28.44
C ASN B 315 0.48 23.72 27.36
N ASN B 316 -0.84 23.62 27.14
CA ASN B 316 -1.40 22.71 26.13
C ASN B 316 -0.95 21.26 26.32
N SER B 317 -0.88 20.83 27.58
CA SER B 317 -0.42 19.50 27.88
C SER B 317 -1.30 18.83 28.93
N CYS B 318 -1.35 17.50 28.88
CA CYS B 318 -2.05 16.74 29.90
C CYS B 318 -1.37 15.39 30.05
N SER B 319 -1.65 14.71 31.16
CA SER B 319 -1.11 13.37 31.37
C SER B 319 -1.77 12.41 30.40
N LEU B 320 -1.04 11.36 30.05
CA LEU B 320 -1.62 10.29 29.25
C LEU B 320 -2.76 9.62 30.02
N ASP B 321 -2.62 9.55 31.34
CA ASP B 321 -3.71 9.06 32.19
C ASP B 321 -4.97 9.92 32.00
N ALA B 322 -4.80 11.23 32.01
CA ALA B 322 -5.92 12.14 31.83
C ALA B 322 -6.55 12.01 30.45
N LEU B 323 -5.71 11.81 29.44
CA LEU B 323 -6.21 11.65 28.07
C LEU B 323 -7.03 10.37 27.95
N ASN B 324 -6.57 9.30 28.60
CA ASN B 324 -7.32 8.06 28.60
C ASN B 324 -8.68 8.19 29.27
N LYS B 325 -8.71 8.86 30.41
CA LYS B 325 -9.96 9.06 31.15
C LYS B 325 -10.95 9.90 30.33
N TYR B 326 -10.40 10.92 29.68
CA TYR B 326 -11.19 11.81 28.83
C TYR B 326 -11.80 11.04 27.66
N MET B 327 -10.99 10.20 27.02
CA MET B 327 -11.50 9.38 25.93
C MET B 327 -12.50 8.34 26.44
N GLN B 328 -12.22 7.80 27.62
CA GLN B 328 -13.11 6.83 28.23
C GLN B 328 -14.51 7.43 28.41
N SER B 329 -14.56 8.68 28.85
CA SER B 329 -15.85 9.33 29.10
C SER B 329 -16.58 9.62 27.79
N ILE B 330 -15.83 9.94 26.75
CA ILE B 330 -16.42 10.17 25.43
C ILE B 330 -17.05 8.88 24.91
N ASN B 331 -16.34 7.78 25.05
CA ASN B 331 -16.85 6.45 24.70
C ASN B 331 -18.14 6.14 25.43
N GLU B 332 -18.15 6.37 26.73
CA GLU B 332 -19.33 6.15 27.56
C GLU B 332 -20.50 7.04 27.11
N LYS B 333 -20.18 8.28 26.73
CA LYS B 333 -21.19 9.22 26.28
C LYS B 333 -21.87 8.76 24.99
N PHE B 334 -21.08 8.19 24.08
CA PHE B 334 -21.58 7.70 22.80
C PHE B 334 -21.36 6.20 22.66
#